data_5YSO
#
_entry.id   5YSO
#
_cell.length_a   105.886
_cell.length_b   79.828
_cell.length_c   106.714
_cell.angle_alpha   90.00
_cell.angle_beta   107.81
_cell.angle_gamma   90.00
#
_symmetry.space_group_name_H-M   'C 1 2 1'
#
loop_
_entity.id
_entity.type
_entity.pdbx_description
1 polymer 'Estrogen-related receptor gamma'
2 non-polymer 4-[5-oxidanyl-2-phenyl-1-[4-(4-propan-2-ylpiperazin-1-yl)phenyl]pent-1-enyl]phenol
3 water water
#
_entity_poly.entity_id   1
_entity_poly.type   'polypeptide(L)'
_entity_poly.pdbx_seq_one_letter_code
;MLNPQLVQPAKKPYNKIVSHLLVAEPEKIYAMPDPTVPDSDIKALTTLCDLADRELVVIIGWAKHIPGFSTLSLADQMSL
LQSAWMEILILGVVYRSLSFEDELVYADDYIMDEDQSKLAGLLDLNNAILQLVKKYKSMKLEKEEFVTLKAIALANSDSM
HIEDVEAVQKLQDVLHEALQDYEAGQHMEDPRRAGKMLMTLPLLRQTSTKAVQHFYNIKLEGKVPMHKLFLEMLEAKV
;
_entity_poly.pdbx_strand_id   A,B,C
#
# COMPACT_ATOMS: atom_id res chain seq x y z
N TYR A 14 -14.74 24.32 -26.14
CA TYR A 14 -13.38 24.25 -25.62
C TYR A 14 -12.38 24.42 -26.75
N ASN A 15 -11.50 25.42 -26.63
CA ASN A 15 -10.59 25.76 -27.72
C ASN A 15 -9.37 24.85 -27.73
N LYS A 16 -8.57 24.99 -28.78
CA LYS A 16 -7.49 24.04 -28.99
C LYS A 16 -6.26 24.36 -28.13
N ILE A 17 -6.06 25.63 -27.76
CA ILE A 17 -4.94 25.99 -26.90
C ILE A 17 -5.05 25.30 -25.55
N VAL A 18 -6.20 25.49 -24.89
CA VAL A 18 -6.40 24.87 -23.59
C VAL A 18 -6.30 23.36 -23.70
N SER A 19 -6.81 22.82 -24.81
CA SER A 19 -6.83 21.38 -24.99
C SER A 19 -5.42 20.84 -25.16
N HIS A 20 -4.60 21.52 -25.95
CA HIS A 20 -3.23 21.04 -26.12
C HIS A 20 -2.42 21.24 -24.85
N LEU A 21 -2.67 22.34 -24.13
CA LEU A 21 -1.95 22.59 -22.89
C LEU A 21 -2.23 21.51 -21.88
N LEU A 22 -3.49 21.08 -21.79
CA LEU A 22 -3.80 19.93 -20.95
C LEU A 22 -3.00 18.72 -21.39
N VAL A 23 -2.89 18.50 -22.71
CA VAL A 23 -2.21 17.32 -23.20
C VAL A 23 -0.74 17.36 -22.85
N ALA A 24 -0.12 18.54 -22.97
CA ALA A 24 1.29 18.71 -22.71
C ALA A 24 1.66 18.69 -21.22
N GLU A 25 0.72 18.45 -20.30
CA GLU A 25 1.08 18.41 -18.88
C GLU A 25 2.13 17.34 -18.63
N PRO A 26 3.24 17.66 -17.98
CA PRO A 26 4.20 16.62 -17.62
C PRO A 26 3.54 15.60 -16.70
N GLU A 27 4.17 14.44 -16.60
CA GLU A 27 3.66 13.41 -15.72
C GLU A 27 4.13 13.67 -14.29
N LYS A 28 3.60 12.87 -13.36
CA LYS A 28 3.95 13.03 -11.95
C LYS A 28 5.44 12.77 -11.70
N ILE A 29 6.07 13.67 -10.96
CA ILE A 29 7.43 13.49 -10.46
C ILE A 29 7.35 13.11 -8.99
N TYR A 30 8.30 12.29 -8.54
CA TYR A 30 8.35 11.92 -7.14
C TYR A 30 9.61 12.48 -6.50
N ALA A 31 9.50 12.88 -5.24
CA ALA A 31 10.64 13.46 -4.53
C ALA A 31 11.52 12.40 -3.91
N MET A 32 10.96 11.24 -3.59
CA MET A 32 11.70 10.12 -3.02
C MET A 32 12.58 10.52 -1.83
N PRO A 33 11.99 11.01 -0.73
CA PRO A 33 12.81 11.37 0.42
C PRO A 33 13.47 10.14 1.01
N ASP A 34 14.70 10.33 1.53
CA ASP A 34 15.45 9.17 2.03
C ASP A 34 14.91 8.70 3.38
N PRO A 35 14.25 7.54 3.43
CA PRO A 35 13.71 7.05 4.72
C PRO A 35 14.79 6.79 5.76
N THR A 36 16.02 6.50 5.31
CA THR A 36 17.16 6.34 6.22
C THR A 36 17.44 7.62 7.01
N VAL A 37 17.54 8.75 6.32
CA VAL A 37 17.98 10.01 6.95
C VAL A 37 16.90 10.54 7.88
N PRO A 38 17.22 10.89 9.12
CA PRO A 38 16.22 11.48 10.01
C PRO A 38 15.83 12.89 9.55
N ASP A 39 14.54 13.21 9.69
CA ASP A 39 14.03 14.50 9.27
C ASP A 39 14.82 15.62 9.93
N SER A 40 15.44 16.47 9.10
CA SER A 40 16.20 17.61 9.56
C SER A 40 16.07 18.71 8.52
N ASP A 41 16.62 19.89 8.85
CA ASP A 41 16.59 21.00 7.90
C ASP A 41 17.44 20.70 6.67
N ILE A 42 18.54 19.98 6.85
CA ILE A 42 19.38 19.65 5.70
C ILE A 42 18.68 18.64 4.79
N LYS A 43 17.85 17.76 5.36
CA LYS A 43 17.11 16.78 4.58
C LYS A 43 16.14 17.47 3.62
N ALA A 44 15.32 18.36 4.18
CA ALA A 44 14.32 19.09 3.39
C ALA A 44 14.92 19.72 2.13
N LEU A 45 16.02 20.47 2.27
CA LEU A 45 16.63 21.13 1.11
C LEU A 45 17.15 20.11 0.10
N THR A 46 17.75 19.02 0.57
CA THR A 46 18.23 18.02 -0.37
C THR A 46 17.10 17.41 -1.17
N THR A 47 15.98 17.12 -0.49
CA THR A 47 14.83 16.56 -1.18
C THR A 47 14.28 17.54 -2.21
N LEU A 48 13.98 18.78 -1.77
CA LEU A 48 13.50 19.82 -2.68
C LEU A 48 14.49 20.11 -3.80
N CYS A 49 15.80 20.13 -3.49
CA CYS A 49 16.78 20.31 -4.56
C CYS A 49 16.69 19.17 -5.57
N ASP A 50 16.73 17.93 -5.09
CA ASP A 50 16.72 16.78 -5.98
C ASP A 50 15.45 16.75 -6.83
N LEU A 51 14.31 17.13 -6.23
CA LEU A 51 13.04 17.10 -6.94
C LEU A 51 12.95 18.23 -7.97
N ALA A 52 13.35 19.44 -7.58
CA ALA A 52 13.34 20.57 -8.51
C ALA A 52 14.15 20.28 -9.76
N ASP A 53 15.35 19.68 -9.62
CA ASP A 53 16.16 19.40 -10.80
C ASP A 53 15.46 18.44 -11.74
N ARG A 54 14.79 17.43 -11.20
CA ARG A 54 14.08 16.52 -12.07
C ARG A 54 12.85 17.20 -12.69
N GLU A 55 12.20 18.11 -11.95
CA GLU A 55 11.09 18.85 -12.54
C GLU A 55 11.57 19.78 -13.66
N LEU A 56 12.73 20.44 -13.45
CA LEU A 56 13.22 21.38 -14.47
C LEU A 56 13.41 20.72 -15.82
N VAL A 57 13.87 19.46 -15.85
CA VAL A 57 14.00 18.76 -17.12
C VAL A 57 12.65 18.66 -17.82
N VAL A 58 11.60 18.25 -17.10
CA VAL A 58 10.31 18.11 -17.77
C VAL A 58 9.65 19.45 -18.03
N ILE A 59 9.99 20.47 -17.24
CA ILE A 59 9.44 21.81 -17.50
C ILE A 59 9.91 22.33 -18.86
N ILE A 60 11.16 22.02 -19.24
CA ILE A 60 11.66 22.49 -20.53
C ILE A 60 11.07 21.69 -21.69
N GLY A 61 10.81 20.40 -21.51
CA GLY A 61 10.02 19.70 -22.51
C GLY A 61 8.63 20.29 -22.65
N TRP A 62 7.99 20.60 -21.52
CA TRP A 62 6.67 21.21 -21.52
C TRP A 62 6.67 22.53 -22.29
N ALA A 63 7.71 23.35 -22.12
CA ALA A 63 7.72 24.65 -22.80
C ALA A 63 7.70 24.48 -24.31
N LYS A 64 8.44 23.49 -24.82
CA LYS A 64 8.58 23.35 -26.27
C LYS A 64 7.24 23.04 -26.94
N HIS A 65 6.30 22.42 -26.21
CA HIS A 65 4.96 22.15 -26.70
C HIS A 65 4.03 23.35 -26.58
N ILE A 66 4.49 24.45 -26.02
CA ILE A 66 3.67 25.66 -26.00
C ILE A 66 3.69 26.28 -27.39
N PRO A 67 2.52 26.52 -27.99
CA PRO A 67 2.47 26.95 -29.40
C PRO A 67 3.21 28.26 -29.63
N GLY A 68 4.31 28.18 -30.38
CA GLY A 68 5.07 29.35 -30.73
C GLY A 68 6.36 29.51 -29.94
N PHE A 69 6.50 28.78 -28.84
CA PHE A 69 7.69 28.92 -28.00
C PHE A 69 8.94 28.53 -28.77
N SER A 70 8.92 27.37 -29.42
CA SER A 70 10.15 26.90 -30.06
C SER A 70 10.48 27.65 -31.34
N THR A 71 9.57 28.53 -31.80
CA THR A 71 9.87 29.44 -32.90
C THR A 71 10.66 30.66 -32.45
N LEU A 72 10.69 30.95 -31.15
CA LEU A 72 11.52 32.04 -30.65
C LEU A 72 12.99 31.73 -30.83
N SER A 73 13.81 32.77 -30.76
CA SER A 73 15.24 32.57 -30.78
C SER A 73 15.68 31.79 -29.54
N LEU A 74 16.87 31.20 -29.62
CA LEU A 74 17.31 30.36 -28.51
C LEU A 74 17.62 31.20 -27.29
N ALA A 75 18.01 32.47 -27.50
CA ALA A 75 18.23 33.42 -26.41
C ALA A 75 16.91 33.86 -25.79
N ASP A 76 15.85 33.92 -26.57
CA ASP A 76 14.55 34.29 -26.03
C ASP A 76 13.92 33.11 -25.27
N GLN A 77 14.06 31.88 -25.78
CA GLN A 77 13.69 30.71 -24.98
C GLN A 77 14.43 30.71 -23.65
N MET A 78 15.75 30.97 -23.66
CA MET A 78 16.50 31.00 -22.41
C MET A 78 15.98 32.10 -21.48
N SER A 79 15.65 33.27 -22.03
CA SER A 79 15.31 34.39 -21.18
C SER A 79 13.96 34.18 -20.52
N LEU A 80 13.00 33.62 -21.25
CA LEU A 80 11.70 33.29 -20.68
C LEU A 80 11.83 32.28 -19.54
N LEU A 81 12.55 31.18 -19.80
CA LEU A 81 12.70 30.16 -18.77
C LEU A 81 13.51 30.68 -17.59
N GLN A 82 14.54 31.49 -17.86
CA GLN A 82 15.36 32.03 -16.77
C GLN A 82 14.53 32.97 -15.89
N SER A 83 13.52 33.62 -16.46
CA SER A 83 12.67 34.53 -15.71
C SER A 83 11.54 33.81 -14.97
N ALA A 84 11.03 32.69 -15.51
CA ALA A 84 9.80 32.13 -15.00
C ALA A 84 9.94 30.78 -14.29
N TRP A 85 11.12 30.16 -14.28
CA TRP A 85 11.22 28.78 -13.80
C TRP A 85 10.69 28.61 -12.37
N MET A 86 11.00 29.54 -11.46
CA MET A 86 10.50 29.39 -10.09
C MET A 86 8.98 29.58 -10.01
N GLU A 87 8.43 30.50 -10.80
CA GLU A 87 6.98 30.66 -10.86
C GLU A 87 6.32 29.37 -11.32
N ILE A 88 6.94 28.70 -12.29
CA ILE A 88 6.32 27.48 -12.80
C ILE A 88 6.36 26.39 -11.75
N LEU A 89 7.49 26.27 -11.05
CA LEU A 89 7.58 25.29 -9.97
C LEU A 89 6.53 25.56 -8.89
N ILE A 90 6.40 26.82 -8.47
CA ILE A 90 5.51 27.12 -7.34
C ILE A 90 4.05 26.92 -7.73
N LEU A 91 3.67 27.35 -8.95
CA LEU A 91 2.31 27.12 -9.43
C LEU A 91 1.95 25.63 -9.39
N GLY A 92 2.87 24.75 -9.79
CA GLY A 92 2.58 23.32 -9.68
C GLY A 92 2.31 22.90 -8.25
N VAL A 93 3.15 23.34 -7.31
CA VAL A 93 2.93 23.00 -5.90
C VAL A 93 1.57 23.50 -5.45
N VAL A 94 1.21 24.71 -5.86
CA VAL A 94 -0.07 25.29 -5.46
C VAL A 94 -1.21 24.41 -5.94
N TYR A 95 -1.18 24.05 -7.23
CA TYR A 95 -2.30 23.30 -7.78
C TYR A 95 -2.43 21.95 -7.11
N ARG A 96 -1.32 21.27 -6.85
CA ARG A 96 -1.42 19.98 -6.17
C ARG A 96 -1.88 20.12 -4.73
N SER A 97 -1.95 21.32 -4.19
CA SER A 97 -2.24 21.49 -2.77
C SER A 97 -3.70 21.85 -2.50
N LEU A 98 -4.50 22.11 -3.55
CA LEU A 98 -5.87 22.61 -3.41
C LEU A 98 -6.75 21.74 -2.51
N SER A 99 -6.62 20.42 -2.60
CA SER A 99 -7.47 19.51 -1.85
C SER A 99 -6.82 19.05 -0.54
N PHE A 100 -5.96 19.90 0.04
CA PHE A 100 -5.31 19.65 1.31
C PHE A 100 -5.53 20.85 2.21
N GLU A 101 -5.07 20.75 3.46
CA GLU A 101 -5.39 21.74 4.49
C GLU A 101 -4.10 22.20 5.16
N ASP A 102 -3.68 23.44 4.87
CA ASP A 102 -2.52 24.04 5.53
C ASP A 102 -1.26 23.22 5.29
N GLU A 103 -1.14 22.69 4.07
CA GLU A 103 -0.04 21.82 3.66
C GLU A 103 0.26 22.09 2.20
N LEU A 104 1.53 21.95 1.84
CA LEU A 104 1.98 22.13 0.46
C LEU A 104 2.40 20.77 -0.09
N VAL A 105 1.84 20.42 -1.24
CA VAL A 105 2.02 19.10 -1.86
C VAL A 105 3.12 19.25 -2.91
N TYR A 106 4.38 19.05 -2.48
CA TYR A 106 5.51 19.11 -3.42
C TYR A 106 5.49 17.94 -4.40
N ALA A 107 5.03 16.79 -3.93
CA ALA A 107 4.94 15.57 -4.71
C ALA A 107 3.95 14.67 -3.97
N ASP A 108 3.47 13.64 -4.69
CA ASP A 108 2.58 12.69 -4.03
C ASP A 108 3.28 12.00 -2.86
N ASP A 109 4.60 11.95 -2.84
CA ASP A 109 5.31 11.35 -1.71
C ASP A 109 6.02 12.38 -0.83
N TYR A 110 5.65 13.66 -0.90
CA TYR A 110 6.32 14.67 -0.07
C TYR A 110 5.37 15.85 0.19
N ILE A 111 4.86 15.92 1.42
CA ILE A 111 3.91 16.93 1.82
C ILE A 111 4.45 17.60 3.08
N MET A 112 4.48 18.93 3.06
CA MET A 112 5.12 19.70 4.13
C MET A 112 4.06 20.51 4.85
N ASP A 113 3.87 20.25 6.14
CA ASP A 113 2.94 21.07 6.92
C ASP A 113 3.70 22.21 7.58
N GLU A 114 3.02 22.94 8.46
CA GLU A 114 3.60 24.14 9.07
C GLU A 114 4.89 23.82 9.82
N ASP A 115 4.91 22.74 10.60
CA ASP A 115 6.09 22.49 11.42
C ASP A 115 7.27 22.07 10.57
N GLN A 116 7.06 21.24 9.55
CA GLN A 116 8.16 20.91 8.65
C GLN A 116 8.64 22.14 7.87
N SER A 117 7.74 23.07 7.57
CA SER A 117 8.18 24.31 6.95
C SER A 117 9.03 25.15 7.90
N LYS A 118 8.62 25.28 9.16
CA LYS A 118 9.47 25.93 10.16
C LYS A 118 10.84 25.29 10.19
N LEU A 119 10.88 23.96 10.18
CA LEU A 119 12.16 23.27 10.26
C LEU A 119 13.00 23.48 9.02
N ALA A 120 12.37 23.60 7.85
CA ALA A 120 13.14 23.78 6.63
C ALA A 120 13.61 25.22 6.42
N GLY A 121 13.24 26.14 7.32
CA GLY A 121 13.49 27.55 7.13
C GLY A 121 12.62 28.20 6.09
N LEU A 122 11.46 27.62 5.79
CA LEU A 122 10.64 28.08 4.68
C LEU A 122 9.27 28.60 5.13
N LEU A 123 9.12 28.90 6.42
CA LEU A 123 7.78 29.19 6.95
C LEU A 123 7.14 30.37 6.26
N ASP A 124 7.90 31.46 6.06
CA ASP A 124 7.34 32.69 5.53
C ASP A 124 7.00 32.55 4.05
N LEU A 125 7.92 31.96 3.28
CA LEU A 125 7.68 31.59 1.89
C LEU A 125 6.38 30.79 1.73
N ASN A 126 6.31 29.68 2.47
CA ASN A 126 5.21 28.74 2.32
C ASN A 126 3.90 29.30 2.85
N ASN A 127 3.93 30.19 3.84
CA ASN A 127 2.68 30.82 4.23
C ASN A 127 2.16 31.70 3.13
N ALA A 128 3.05 32.35 2.38
CA ALA A 128 2.60 33.12 1.24
C ALA A 128 2.09 32.21 0.12
N ILE A 129 2.78 31.09 -0.12
CA ILE A 129 2.28 30.11 -1.07
C ILE A 129 0.92 29.56 -0.65
N LEU A 130 0.68 29.45 0.67
CA LEU A 130 -0.61 29.02 1.17
C LEU A 130 -1.69 30.10 1.03
N GLN A 131 -1.33 31.39 1.01
CA GLN A 131 -2.32 32.41 0.65
C GLN A 131 -2.80 32.20 -0.78
N LEU A 132 -1.88 31.87 -1.68
CA LEU A 132 -2.23 31.62 -3.07
C LEU A 132 -3.13 30.40 -3.18
N VAL A 133 -2.82 29.34 -2.43
CA VAL A 133 -3.67 28.15 -2.42
C VAL A 133 -5.07 28.50 -1.94
N LYS A 134 -5.16 29.06 -0.73
CA LYS A 134 -6.45 29.50 -0.19
C LYS A 134 -7.23 30.35 -1.21
N LYS A 135 -6.54 31.17 -1.99
CA LYS A 135 -7.22 32.05 -2.94
C LYS A 135 -7.78 31.27 -4.14
N TYR A 136 -7.01 30.31 -4.68
CA TYR A 136 -7.55 29.49 -5.77
C TYR A 136 -8.66 28.58 -5.29
N LYS A 137 -8.61 28.14 -4.03
CA LYS A 137 -9.71 27.36 -3.48
C LYS A 137 -11.04 28.11 -3.61
N SER A 138 -11.10 29.33 -3.08
CA SER A 138 -12.33 30.10 -3.08
C SER A 138 -12.83 30.43 -4.49
N MET A 139 -11.97 30.43 -5.50
CA MET A 139 -12.42 30.60 -6.88
C MET A 139 -12.69 29.28 -7.57
N LYS A 140 -12.52 28.15 -6.87
CA LYS A 140 -12.70 26.81 -7.43
C LYS A 140 -11.91 26.65 -8.75
N LEU A 141 -10.59 26.74 -8.62
CA LEU A 141 -9.70 26.72 -9.77
C LEU A 141 -9.72 25.37 -10.46
N GLU A 142 -9.84 25.39 -11.79
CA GLU A 142 -9.94 24.19 -12.60
C GLU A 142 -8.61 23.92 -13.32
N LYS A 143 -8.37 22.64 -13.62
CA LYS A 143 -7.11 22.27 -14.27
C LYS A 143 -6.86 23.06 -15.57
N GLU A 144 -7.92 23.32 -16.35
CA GLU A 144 -7.76 24.03 -17.62
C GLU A 144 -7.25 25.46 -17.39
N GLU A 145 -7.65 26.08 -16.27
CA GLU A 145 -7.18 27.42 -15.94
C GLU A 145 -5.75 27.39 -15.39
N PHE A 146 -5.43 26.35 -14.62
CA PHE A 146 -4.07 26.13 -14.14
C PHE A 146 -3.08 26.09 -15.29
N VAL A 147 -3.30 25.18 -16.25
CA VAL A 147 -2.31 25.03 -17.32
C VAL A 147 -2.28 26.26 -18.20
N THR A 148 -3.38 27.01 -18.29
CA THR A 148 -3.33 28.25 -19.07
C THR A 148 -2.62 29.36 -18.29
N LEU A 149 -2.92 29.50 -16.99
CA LEU A 149 -2.19 30.46 -16.16
C LEU A 149 -0.69 30.17 -16.15
N LYS A 150 -0.32 28.89 -16.08
CA LYS A 150 1.09 28.52 -16.10
C LYS A 150 1.74 28.95 -17.40
N ALA A 151 1.08 28.68 -18.53
CA ALA A 151 1.62 29.13 -19.82
C ALA A 151 1.73 30.65 -19.86
N ILE A 152 0.71 31.37 -19.34
CA ILE A 152 0.80 32.84 -19.28
C ILE A 152 1.98 33.28 -18.40
N ALA A 153 2.25 32.57 -17.29
CA ALA A 153 3.33 32.98 -16.41
C ALA A 153 4.69 32.92 -17.12
N LEU A 154 4.90 31.87 -17.94
CA LEU A 154 6.13 31.80 -18.73
C LEU A 154 6.23 32.95 -19.71
N ALA A 155 5.13 33.24 -20.43
CA ALA A 155 5.16 34.27 -21.47
C ALA A 155 5.16 35.68 -20.90
N ASN A 156 4.50 35.89 -19.76
CA ASN A 156 4.41 37.21 -19.15
C ASN A 156 5.50 37.44 -18.12
N SER A 157 6.70 36.87 -18.30
CA SER A 157 7.68 36.81 -17.22
C SER A 157 8.60 38.03 -17.16
N ASP A 158 8.47 39.00 -18.06
CA ASP A 158 9.16 40.30 -17.99
C ASP A 158 10.69 40.16 -17.97
N SER A 159 11.24 39.36 -18.88
CA SER A 159 12.71 39.25 -18.94
C SER A 159 13.34 40.58 -19.32
N MET A 160 14.50 40.84 -18.71
CA MET A 160 15.28 42.04 -18.97
C MET A 160 15.72 42.18 -20.43
N HIS A 161 15.93 41.08 -21.15
CA HIS A 161 16.60 41.15 -22.46
C HIS A 161 15.94 40.16 -23.41
N ILE A 162 14.91 40.63 -24.10
CA ILE A 162 14.23 39.86 -25.13
C ILE A 162 14.72 40.39 -26.47
N GLU A 163 15.07 39.46 -27.37
CA GLU A 163 15.51 39.86 -28.70
C GLU A 163 14.32 40.32 -29.54
N ASP A 164 13.23 39.57 -29.53
CA ASP A 164 12.10 39.86 -30.39
C ASP A 164 10.88 40.17 -29.54
N VAL A 165 10.82 41.40 -29.05
CA VAL A 165 9.68 41.86 -28.27
C VAL A 165 8.36 41.54 -28.97
N GLU A 166 8.32 41.71 -30.29
CA GLU A 166 7.07 41.55 -31.04
C GLU A 166 6.56 40.11 -30.98
N ALA A 167 7.43 39.14 -31.25
CA ALA A 167 7.01 37.74 -31.21
C ALA A 167 6.60 37.33 -29.81
N VAL A 168 7.27 37.88 -28.79
CA VAL A 168 6.93 37.50 -27.42
C VAL A 168 5.57 38.06 -27.03
N GLN A 169 5.29 39.31 -27.40
CA GLN A 169 3.95 39.86 -27.15
C GLN A 169 2.89 39.04 -27.88
N LYS A 170 3.20 38.55 -29.08
CA LYS A 170 2.26 37.70 -29.81
C LYS A 170 1.90 36.45 -29.00
N LEU A 171 2.91 35.79 -28.43
CA LEU A 171 2.68 34.59 -27.63
C LEU A 171 1.89 34.90 -26.37
N GLN A 172 2.22 36.02 -25.71
CA GLN A 172 1.36 36.51 -24.64
C GLN A 172 -0.09 36.58 -25.09
N ASP A 173 -0.35 37.28 -26.21
CA ASP A 173 -1.73 37.58 -26.59
C ASP A 173 -2.49 36.33 -27.03
N VAL A 174 -1.80 35.36 -27.66
CA VAL A 174 -2.41 34.07 -27.94
C VAL A 174 -2.86 33.39 -26.66
N LEU A 175 -1.97 33.28 -25.67
CA LEU A 175 -2.35 32.63 -24.43
C LEU A 175 -3.37 33.46 -23.66
N HIS A 176 -3.21 34.79 -23.69
CA HIS A 176 -4.22 35.66 -23.08
C HIS A 176 -5.59 35.38 -23.68
N GLU A 177 -5.70 35.43 -25.02
CA GLU A 177 -6.99 35.20 -25.67
C GLU A 177 -7.54 33.83 -25.33
N ALA A 178 -6.67 32.81 -25.30
CA ALA A 178 -7.13 31.47 -24.96
C ALA A 178 -7.79 31.44 -23.59
N LEU A 179 -7.24 32.19 -22.63
CA LEU A 179 -7.84 32.25 -21.30
C LEU A 179 -9.18 32.97 -21.32
N GLN A 180 -9.24 34.11 -22.01
CA GLN A 180 -10.50 34.84 -22.11
C GLN A 180 -11.56 33.99 -22.79
N ASP A 181 -11.19 33.40 -23.94
CA ASP A 181 -12.01 32.43 -24.67
C ASP A 181 -12.61 31.38 -23.74
N TYR A 182 -11.75 30.61 -23.07
CA TYR A 182 -12.24 29.56 -22.20
C TYR A 182 -13.24 30.08 -21.19
N GLU A 183 -12.94 31.23 -20.56
CA GLU A 183 -13.79 31.72 -19.48
C GLU A 183 -15.14 32.20 -20.01
N ALA A 184 -15.13 32.91 -21.14
CA ALA A 184 -16.36 33.18 -21.88
C ALA A 184 -17.14 31.91 -22.16
N GLY A 185 -16.45 30.77 -22.30
CA GLY A 185 -17.06 29.49 -22.61
C GLY A 185 -17.72 28.76 -21.46
N GLN A 186 -16.93 28.30 -20.49
CA GLN A 186 -17.47 27.49 -19.39
C GLN A 186 -17.77 28.30 -18.15
N HIS A 187 -17.65 29.63 -18.20
CA HIS A 187 -17.88 30.42 -16.99
C HIS A 187 -18.67 31.69 -17.31
N MET A 188 -19.95 31.50 -17.67
CA MET A 188 -20.86 32.61 -17.92
C MET A 188 -21.47 33.17 -16.65
N GLU A 189 -21.52 32.37 -15.58
CA GLU A 189 -21.94 32.82 -14.26
C GLU A 189 -21.13 34.02 -13.76
N ASP A 190 -19.99 34.33 -14.38
CA ASP A 190 -19.08 35.35 -13.89
C ASP A 190 -18.31 35.97 -15.04
N PRO A 191 -18.82 37.07 -15.61
CA PRO A 191 -18.14 37.68 -16.75
C PRO A 191 -16.76 38.27 -16.43
N ARG A 192 -16.30 38.19 -15.18
CA ARG A 192 -15.02 38.80 -14.81
C ARG A 192 -14.04 37.76 -14.26
N ARG A 193 -14.27 36.48 -14.57
CA ARG A 193 -13.47 35.43 -13.99
C ARG A 193 -12.06 35.43 -14.56
N ALA A 194 -11.90 35.71 -15.85
CA ALA A 194 -10.57 35.77 -16.42
C ALA A 194 -9.77 36.93 -15.82
N GLY A 195 -10.43 38.06 -15.56
CA GLY A 195 -9.75 39.17 -14.90
C GLY A 195 -9.35 38.83 -13.47
N LYS A 196 -10.21 38.10 -12.77
CA LYS A 196 -9.84 37.62 -11.45
C LYS A 196 -8.65 36.66 -11.53
N MET A 197 -8.65 35.76 -12.51
CA MET A 197 -7.52 34.85 -12.69
C MET A 197 -6.24 35.65 -12.90
N LEU A 198 -6.28 36.62 -13.80
CA LEU A 198 -5.11 37.45 -14.07
C LEU A 198 -4.62 38.16 -12.81
N MET A 199 -5.54 38.54 -11.92
CA MET A 199 -5.19 39.30 -10.74
C MET A 199 -4.57 38.44 -9.65
N THR A 200 -4.54 37.11 -9.79
CA THR A 200 -3.73 36.28 -8.90
C THR A 200 -2.28 36.19 -9.36
N LEU A 201 -1.95 36.69 -10.53
CA LEU A 201 -0.58 36.60 -11.01
C LEU A 201 0.40 37.41 -10.16
N PRO A 202 0.01 38.58 -9.61
CA PRO A 202 0.94 39.29 -8.72
C PRO A 202 1.39 38.45 -7.53
N LEU A 203 0.47 37.80 -6.82
CA LEU A 203 0.91 37.02 -5.67
C LEU A 203 1.89 35.94 -6.08
N LEU A 204 1.73 35.39 -7.29
CA LEU A 204 2.63 34.34 -7.73
C LEU A 204 4.02 34.90 -8.07
N ARG A 205 4.08 36.10 -8.64
CA ARG A 205 5.36 36.76 -8.88
C ARG A 205 6.04 37.13 -7.55
N GLN A 206 5.24 37.54 -6.56
CA GLN A 206 5.79 37.95 -5.28
C GLN A 206 6.50 36.80 -4.59
N THR A 207 5.83 35.65 -4.43
CA THR A 207 6.47 34.55 -3.73
C THR A 207 7.63 33.99 -4.54
N SER A 208 7.57 34.07 -5.87
CA SER A 208 8.69 33.56 -6.67
C SER A 208 9.90 34.49 -6.57
N THR A 209 9.66 35.81 -6.63
CA THR A 209 10.70 36.80 -6.35
C THR A 209 11.36 36.53 -4.99
N LYS A 210 10.57 36.33 -3.95
CA LYS A 210 11.17 36.02 -2.65
C LYS A 210 11.84 34.64 -2.65
N ALA A 211 11.30 33.67 -3.38
CA ALA A 211 11.90 32.34 -3.32
C ALA A 211 13.22 32.30 -4.05
N VAL A 212 13.32 33.00 -5.18
CA VAL A 212 14.57 33.06 -5.93
C VAL A 212 15.64 33.79 -5.12
N GLN A 213 15.23 34.84 -4.39
CA GLN A 213 16.18 35.56 -3.56
C GLN A 213 16.73 34.65 -2.48
N HIS A 214 15.85 33.84 -1.88
CA HIS A 214 16.25 32.84 -0.88
C HIS A 214 17.12 31.74 -1.51
N PHE A 215 16.76 31.31 -2.72
CA PHE A 215 17.61 30.41 -3.48
C PHE A 215 19.05 30.89 -3.51
N TYR A 216 19.27 32.21 -3.66
CA TYR A 216 20.60 32.77 -3.75
C TYR A 216 21.20 33.14 -2.39
N ASN A 217 20.39 33.54 -1.43
CA ASN A 217 20.89 33.82 -0.09
C ASN A 217 21.60 32.59 0.48
N ILE A 218 20.94 31.42 0.46
CA ILE A 218 21.50 30.18 1.02
C ILE A 218 22.26 29.38 -0.04
N LYS A 219 22.61 30.03 -1.15
CA LYS A 219 23.60 29.50 -2.10
C LYS A 219 23.24 28.11 -2.61
N LEU A 220 22.10 28.01 -3.28
CA LEU A 220 21.69 26.74 -3.87
C LEU A 220 21.99 26.64 -5.36
N GLU A 221 22.61 27.68 -5.96
CA GLU A 221 22.81 27.71 -7.41
C GLU A 221 23.86 26.71 -7.89
N GLY A 222 24.84 26.38 -7.06
CA GLY A 222 25.88 25.47 -7.53
C GLY A 222 26.95 26.19 -8.34
N LYS A 223 27.61 25.41 -9.19
CA LYS A 223 28.76 25.88 -9.95
C LYS A 223 28.41 26.34 -11.35
N VAL A 224 27.54 25.61 -12.02
CA VAL A 224 27.05 25.92 -13.36
C VAL A 224 25.93 26.94 -13.28
N PRO A 225 26.06 28.12 -13.89
CA PRO A 225 24.97 29.11 -13.83
C PRO A 225 23.74 28.64 -14.58
N MET A 226 22.57 29.05 -14.07
CA MET A 226 21.29 28.58 -14.59
C MET A 226 21.18 28.76 -16.11
N HIS A 227 21.76 29.84 -16.67
CA HIS A 227 21.56 30.06 -18.11
C HIS A 227 22.24 28.98 -18.97
N LYS A 228 23.40 28.46 -18.56
CA LYS A 228 23.95 27.37 -19.36
C LYS A 228 23.20 26.07 -19.12
N LEU A 229 22.70 25.83 -17.91
CA LEU A 229 21.86 24.65 -17.69
C LEU A 229 20.66 24.67 -18.64
N PHE A 230 19.99 25.81 -18.77
CA PHE A 230 18.84 25.91 -19.65
C PHE A 230 19.26 25.75 -21.11
N LEU A 231 20.46 26.21 -21.45
CA LEU A 231 20.97 26.03 -22.82
C LEU A 231 21.22 24.55 -23.11
N GLU A 232 21.79 23.83 -22.13
CA GLU A 232 22.02 22.39 -22.30
C GLU A 232 20.71 21.65 -22.48
N MET A 233 19.77 21.87 -21.57
CA MET A 233 18.48 21.20 -21.62
C MET A 233 17.73 21.55 -22.90
N LEU A 234 17.84 22.81 -23.36
CA LEU A 234 17.15 23.21 -24.57
C LEU A 234 17.74 22.56 -25.81
N GLU A 235 18.91 21.95 -25.71
CA GLU A 235 19.54 21.23 -26.83
C GLU A 235 19.88 19.79 -26.44
N PRO B 13 -6.41 17.00 15.22
CA PRO B 13 -6.89 15.74 14.63
C PRO B 13 -5.86 14.59 14.68
N TYR B 14 -6.09 13.55 13.89
CA TYR B 14 -5.39 12.31 14.14
C TYR B 14 -4.13 12.21 13.27
N ASN B 15 -3.59 10.98 13.22
CA ASN B 15 -2.32 10.71 12.60
C ASN B 15 -2.24 11.25 11.16
N LYS B 16 -1.06 11.73 10.80
CA LYS B 16 -0.84 12.36 9.52
C LYS B 16 -0.76 11.35 8.38
N ILE B 17 -0.11 10.22 8.60
CA ILE B 17 0.06 9.21 7.55
C ILE B 17 -1.30 8.69 7.14
N VAL B 18 -2.13 8.35 8.12
CA VAL B 18 -3.49 7.86 7.87
C VAL B 18 -4.28 8.90 7.09
N SER B 19 -4.10 10.18 7.44
CA SER B 19 -4.88 11.21 6.77
C SER B 19 -4.43 11.38 5.31
N HIS B 20 -3.13 11.34 5.05
CA HIS B 20 -2.67 11.41 3.67
C HIS B 20 -3.06 10.14 2.90
N LEU B 21 -3.12 8.99 3.57
CA LEU B 21 -3.60 7.79 2.89
C LEU B 21 -5.07 7.94 2.49
N LEU B 22 -5.87 8.65 3.31
CA LEU B 22 -7.25 8.89 2.92
C LEU B 22 -7.33 9.67 1.61
N VAL B 23 -6.51 10.72 1.46
CA VAL B 23 -6.57 11.51 0.23
C VAL B 23 -6.04 10.72 -0.95
N ALA B 24 -5.16 9.74 -0.68
CA ALA B 24 -4.57 8.93 -1.75
C ALA B 24 -5.56 7.96 -2.38
N GLU B 25 -6.76 7.83 -1.84
CA GLU B 25 -7.72 6.86 -2.37
C GLU B 25 -8.07 7.20 -3.81
N PRO B 26 -8.16 6.20 -4.68
CA PRO B 26 -8.58 6.45 -6.07
C PRO B 26 -10.04 6.86 -6.15
N GLU B 27 -10.38 7.43 -7.30
CA GLU B 27 -11.78 7.69 -7.61
C GLU B 27 -12.49 6.39 -7.94
N LYS B 28 -13.81 6.42 -7.79
CA LYS B 28 -14.59 5.23 -8.08
C LYS B 28 -14.29 4.73 -9.48
N ILE B 29 -14.28 3.40 -9.62
CA ILE B 29 -14.17 2.70 -10.90
C ILE B 29 -15.49 2.00 -11.14
N TYR B 30 -15.93 1.98 -12.37
CA TYR B 30 -17.20 1.35 -12.71
C TYR B 30 -16.95 0.12 -13.57
N ALA B 31 -17.85 -0.85 -13.41
CA ALA B 31 -17.76 -2.10 -14.17
C ALA B 31 -18.28 -1.93 -15.58
N MET B 32 -19.36 -1.18 -15.72
CA MET B 32 -19.95 -0.92 -17.03
C MET B 32 -20.29 -2.21 -17.77
N PRO B 33 -21.09 -3.09 -17.17
CA PRO B 33 -21.49 -4.30 -17.87
C PRO B 33 -22.44 -3.91 -19.01
N ASP B 34 -22.25 -4.50 -20.17
CA ASP B 34 -23.08 -4.26 -21.35
C ASP B 34 -24.52 -4.73 -21.12
N PRO B 35 -25.49 -3.83 -21.00
CA PRO B 35 -26.89 -4.27 -20.76
C PRO B 35 -27.54 -5.00 -21.94
N THR B 36 -26.91 -5.08 -23.12
CA THR B 36 -27.50 -5.88 -24.20
C THR B 36 -27.15 -7.37 -24.06
N VAL B 37 -26.04 -7.68 -23.41
CA VAL B 37 -25.59 -9.06 -23.26
C VAL B 37 -26.39 -9.73 -22.14
N PRO B 38 -26.98 -10.91 -22.38
CA PRO B 38 -27.74 -11.58 -21.31
C PRO B 38 -26.82 -12.09 -20.22
N ASP B 39 -27.28 -12.00 -18.97
CA ASP B 39 -26.50 -12.45 -17.83
C ASP B 39 -26.03 -13.88 -18.01
N SER B 40 -24.76 -14.13 -17.71
CA SER B 40 -24.17 -15.44 -17.93
C SER B 40 -22.84 -15.55 -17.20
N ASP B 41 -22.33 -16.78 -17.11
CA ASP B 41 -21.06 -16.98 -16.44
C ASP B 41 -19.91 -16.33 -17.21
N ILE B 42 -20.07 -16.16 -18.50
CA ILE B 42 -19.01 -15.58 -19.32
C ILE B 42 -19.05 -14.07 -19.26
N LYS B 43 -20.27 -13.51 -19.26
CA LYS B 43 -20.44 -12.07 -19.03
C LYS B 43 -19.85 -11.66 -17.68
N ALA B 44 -20.21 -12.38 -16.61
CA ALA B 44 -19.71 -12.06 -15.27
C ALA B 44 -18.19 -12.13 -15.23
N LEU B 45 -17.61 -13.17 -15.83
CA LEU B 45 -16.16 -13.29 -15.81
C LEU B 45 -15.50 -12.16 -16.59
N THR B 46 -16.17 -11.67 -17.64
CA THR B 46 -15.56 -10.60 -18.45
C THR B 46 -15.71 -9.25 -17.75
N THR B 47 -16.88 -9.01 -17.13
CA THR B 47 -17.07 -7.80 -16.34
C THR B 47 -16.00 -7.70 -15.25
N LEU B 48 -15.79 -8.78 -14.50
CA LEU B 48 -14.76 -8.78 -13.46
C LEU B 48 -13.38 -8.54 -14.05
N CYS B 49 -13.06 -9.21 -15.16
CA CYS B 49 -11.76 -9.07 -15.79
C CYS B 49 -11.52 -7.64 -16.27
N ASP B 50 -12.57 -6.97 -16.74
CA ASP B 50 -12.38 -5.60 -17.21
C ASP B 50 -12.25 -4.63 -16.03
N LEU B 51 -13.06 -4.82 -14.99
CA LEU B 51 -12.93 -4.03 -13.77
C LEU B 51 -11.51 -4.10 -13.22
N ALA B 52 -11.02 -5.31 -12.99
CA ALA B 52 -9.69 -5.47 -12.38
C ALA B 52 -8.62 -4.78 -13.21
N ASP B 53 -8.74 -4.82 -14.54
CA ASP B 53 -7.74 -4.17 -15.39
C ASP B 53 -7.71 -2.67 -15.16
N ARG B 54 -8.89 -2.03 -15.21
CA ARG B 54 -8.95 -0.61 -14.92
C ARG B 54 -8.47 -0.30 -13.50
N GLU B 55 -8.77 -1.19 -12.53
CA GLU B 55 -8.31 -1.00 -11.16
C GLU B 55 -6.79 -1.12 -11.05
N LEU B 56 -6.18 -2.00 -11.85
CA LEU B 56 -4.73 -2.18 -11.78
C LEU B 56 -3.97 -1.03 -12.45
N VAL B 57 -4.60 -0.32 -13.38
CA VAL B 57 -4.00 0.90 -13.92
C VAL B 57 -3.70 1.89 -12.80
N VAL B 58 -4.68 2.13 -11.92
CA VAL B 58 -4.53 3.11 -10.84
C VAL B 58 -3.79 2.58 -9.61
N ILE B 59 -3.53 1.28 -9.52
CA ILE B 59 -2.95 0.77 -8.27
C ILE B 59 -1.52 1.23 -8.09
N ILE B 60 -0.79 1.39 -9.20
CA ILE B 60 0.62 1.76 -9.11
C ILE B 60 0.75 3.19 -8.61
N GLY B 61 -0.11 4.09 -9.10
CA GLY B 61 -0.06 5.47 -8.64
C GLY B 61 -0.52 5.60 -7.20
N TRP B 62 -1.56 4.84 -6.82
CA TRP B 62 -1.90 4.74 -5.41
C TRP B 62 -0.68 4.34 -4.58
N ALA B 63 0.04 3.29 -5.02
CA ALA B 63 1.11 2.76 -4.19
C ALA B 63 2.19 3.78 -3.98
N LYS B 64 2.46 4.61 -5.00
CA LYS B 64 3.50 5.64 -4.89
C LYS B 64 3.21 6.65 -3.78
N HIS B 65 1.96 6.72 -3.30
CA HIS B 65 1.65 7.64 -2.20
C HIS B 65 2.15 7.14 -0.85
N ILE B 66 2.47 5.86 -0.74
CA ILE B 66 2.75 5.27 0.58
C ILE B 66 4.17 5.61 0.99
N PRO B 67 4.39 6.20 2.16
CA PRO B 67 5.74 6.65 2.52
C PRO B 67 6.74 5.50 2.46
N GLY B 68 7.82 5.71 1.74
CA GLY B 68 8.84 4.69 1.60
C GLY B 68 8.71 3.81 0.39
N PHE B 69 7.55 3.81 -0.29
CA PHE B 69 7.39 2.95 -1.45
C PHE B 69 8.13 3.51 -2.67
N SER B 70 8.24 4.84 -2.74
CA SER B 70 8.82 5.49 -3.91
C SER B 70 10.34 5.36 -3.95
N THR B 71 10.97 5.13 -2.79
CA THR B 71 12.40 4.97 -2.68
C THR B 71 12.86 3.51 -2.80
N LEU B 72 11.96 2.54 -2.69
CA LEU B 72 12.33 1.17 -3.03
C LEU B 72 12.73 1.09 -4.50
N SER B 73 13.61 0.12 -4.80
CA SER B 73 13.99 -0.18 -6.18
C SER B 73 12.75 -0.48 -7.00
N LEU B 74 12.83 -0.27 -8.32
CA LEU B 74 11.70 -0.62 -9.18
C LEU B 74 11.34 -2.09 -9.06
N ALA B 75 12.34 -2.95 -8.84
CA ALA B 75 12.08 -4.38 -8.79
C ALA B 75 11.40 -4.78 -7.48
N ASP B 76 11.80 -4.17 -6.36
CA ASP B 76 11.11 -4.44 -5.11
C ASP B 76 9.71 -3.81 -5.10
N GLN B 77 9.55 -2.63 -5.71
CA GLN B 77 8.21 -2.10 -5.90
C GLN B 77 7.37 -3.08 -6.70
N MET B 78 7.97 -3.68 -7.72
CA MET B 78 7.25 -4.63 -8.54
C MET B 78 6.99 -5.93 -7.78
N SER B 79 7.95 -6.36 -6.96
CA SER B 79 7.76 -7.57 -6.18
C SER B 79 6.54 -7.43 -5.25
N LEU B 80 6.51 -6.35 -4.47
CA LEU B 80 5.41 -6.10 -3.54
C LEU B 80 4.07 -6.14 -4.24
N LEU B 81 3.94 -5.39 -5.33
CA LEU B 81 2.68 -5.40 -6.09
C LEU B 81 2.34 -6.79 -6.60
N GLN B 82 3.35 -7.58 -6.95
CA GLN B 82 3.08 -8.92 -7.46
C GLN B 82 2.55 -9.85 -6.37
N SER B 83 3.05 -9.72 -5.14
CA SER B 83 2.52 -10.55 -4.06
C SER B 83 1.14 -10.08 -3.56
N ALA B 84 0.88 -8.76 -3.59
CA ALA B 84 -0.25 -8.22 -2.84
C ALA B 84 -1.44 -7.80 -3.68
N TRP B 85 -1.33 -7.74 -5.02
CA TRP B 85 -2.35 -7.06 -5.80
C TRP B 85 -3.73 -7.66 -5.59
N MET B 86 -3.84 -8.99 -5.53
CA MET B 86 -5.15 -9.62 -5.35
C MET B 86 -5.75 -9.25 -3.99
N GLU B 87 -4.97 -9.39 -2.91
CA GLU B 87 -5.37 -8.89 -1.59
C GLU B 87 -5.89 -7.44 -1.65
N ILE B 88 -5.17 -6.56 -2.35
CA ILE B 88 -5.60 -5.17 -2.41
C ILE B 88 -6.92 -5.05 -3.14
N LEU B 89 -7.08 -5.74 -4.28
CA LEU B 89 -8.35 -5.67 -4.96
C LEU B 89 -9.47 -6.20 -4.08
N ILE B 90 -9.23 -7.34 -3.42
CA ILE B 90 -10.27 -7.99 -2.62
C ILE B 90 -10.64 -7.13 -1.41
N LEU B 91 -9.65 -6.55 -0.72
CA LEU B 91 -9.95 -5.69 0.41
C LEU B 91 -10.82 -4.51 -0.01
N GLY B 92 -10.64 -4.02 -1.25
CA GLY B 92 -11.50 -2.96 -1.76
C GLY B 92 -12.94 -3.40 -1.88
N VAL B 93 -13.16 -4.62 -2.40
CA VAL B 93 -14.51 -5.15 -2.52
C VAL B 93 -15.14 -5.30 -1.15
N VAL B 94 -14.33 -5.71 -0.16
CA VAL B 94 -14.81 -5.91 1.20
C VAL B 94 -15.28 -4.59 1.82
N TYR B 95 -14.47 -3.53 1.67
CA TYR B 95 -14.88 -2.25 2.23
C TYR B 95 -16.13 -1.72 1.54
N ARG B 96 -16.24 -1.86 0.21
CA ARG B 96 -17.42 -1.35 -0.48
C ARG B 96 -18.68 -2.14 -0.18
N SER B 97 -18.54 -3.32 0.43
CA SER B 97 -19.64 -4.20 0.77
C SER B 97 -20.12 -4.06 2.21
N LEU B 98 -19.45 -3.24 3.03
CA LEU B 98 -19.75 -3.25 4.47
C LEU B 98 -21.21 -2.99 4.76
N SER B 99 -21.89 -2.17 3.94
CA SER B 99 -23.24 -1.73 4.25
C SER B 99 -24.31 -2.57 3.57
N PHE B 100 -23.91 -3.62 2.87
CA PHE B 100 -24.82 -4.51 2.20
C PHE B 100 -24.92 -5.81 2.98
N GLU B 101 -25.75 -6.72 2.51
CA GLU B 101 -25.98 -7.99 3.20
C GLU B 101 -25.83 -9.12 2.20
N ASP B 102 -24.75 -9.90 2.33
CA ASP B 102 -24.51 -11.08 1.50
C ASP B 102 -24.35 -10.75 0.03
N GLU B 103 -24.04 -9.49 -0.29
CA GLU B 103 -23.66 -9.10 -1.64
C GLU B 103 -22.26 -8.51 -1.61
N LEU B 104 -21.58 -8.63 -2.75
CA LEU B 104 -20.24 -8.09 -2.93
C LEU B 104 -20.31 -6.96 -3.95
N VAL B 105 -19.86 -5.78 -3.53
CA VAL B 105 -19.87 -4.57 -4.36
C VAL B 105 -18.50 -4.50 -5.05
N TYR B 106 -18.37 -5.19 -6.16
CA TYR B 106 -17.21 -4.99 -7.02
C TYR B 106 -17.11 -3.53 -7.48
N ALA B 107 -18.27 -2.91 -7.73
CA ALA B 107 -18.37 -1.53 -8.18
C ALA B 107 -19.80 -1.09 -7.89
N ASP B 108 -20.03 0.22 -8.02
CA ASP B 108 -21.38 0.72 -7.76
C ASP B 108 -22.38 0.17 -8.75
N ASP B 109 -21.96 -0.15 -9.98
CA ASP B 109 -22.81 -0.72 -11.00
C ASP B 109 -22.62 -2.24 -11.15
N TYR B 110 -22.04 -2.91 -10.14
CA TYR B 110 -21.81 -4.36 -10.26
C TYR B 110 -21.76 -4.98 -8.87
N ILE B 111 -22.94 -5.33 -8.37
CA ILE B 111 -23.14 -5.93 -7.06
C ILE B 111 -23.61 -7.37 -7.28
N MET B 112 -22.88 -8.34 -6.71
CA MET B 112 -23.10 -9.75 -6.99
C MET B 112 -23.65 -10.46 -5.75
N ASP B 113 -24.81 -11.12 -5.90
CA ASP B 113 -25.48 -11.78 -4.77
C ASP B 113 -25.10 -13.26 -4.69
N GLU B 114 -25.79 -14.01 -3.83
CA GLU B 114 -25.45 -15.43 -3.66
C GLU B 114 -25.68 -16.20 -4.96
N ASP B 115 -26.84 -16.02 -5.59
CA ASP B 115 -27.14 -16.80 -6.79
C ASP B 115 -26.23 -16.39 -7.93
N GLN B 116 -25.96 -15.10 -8.08
CA GLN B 116 -25.06 -14.65 -9.14
C GLN B 116 -23.65 -15.21 -8.95
N SER B 117 -23.23 -15.44 -7.69
CA SER B 117 -21.91 -16.00 -7.41
C SER B 117 -21.83 -17.48 -7.80
N LYS B 118 -22.91 -18.23 -7.57
CA LYS B 118 -23.02 -19.60 -8.10
C LYS B 118 -22.89 -19.59 -9.61
N LEU B 119 -23.75 -18.82 -10.26
CA LEU B 119 -23.69 -18.66 -11.71
C LEU B 119 -22.27 -18.39 -12.19
N ALA B 120 -21.52 -17.56 -11.45
CA ALA B 120 -20.20 -17.14 -11.89
C ALA B 120 -19.11 -18.15 -11.54
N GLY B 121 -19.43 -19.20 -10.82
CA GLY B 121 -18.41 -20.13 -10.38
C GLY B 121 -17.53 -19.60 -9.28
N LEU B 122 -18.03 -18.70 -8.44
CA LEU B 122 -17.22 -18.09 -7.39
C LEU B 122 -17.82 -18.29 -6.01
N LEU B 123 -18.75 -19.24 -5.87
CA LEU B 123 -19.53 -19.35 -4.64
C LEU B 123 -18.64 -19.49 -3.42
N ASP B 124 -17.72 -20.47 -3.45
CA ASP B 124 -16.85 -20.71 -2.31
C ASP B 124 -15.98 -19.49 -2.02
N LEU B 125 -15.36 -18.94 -3.07
CA LEU B 125 -14.48 -17.78 -2.92
C LEU B 125 -15.22 -16.59 -2.31
N ASN B 126 -16.42 -16.28 -2.81
CA ASN B 126 -17.13 -15.13 -2.27
C ASN B 126 -17.72 -15.41 -0.89
N ASN B 127 -17.98 -16.67 -0.56
CA ASN B 127 -18.41 -16.97 0.80
C ASN B 127 -17.30 -16.63 1.78
N ALA B 128 -16.05 -16.94 1.44
CA ALA B 128 -14.94 -16.53 2.29
C ALA B 128 -14.78 -15.00 2.31
N ILE B 129 -15.04 -14.32 1.19
CA ILE B 129 -14.94 -12.86 1.22
C ILE B 129 -16.03 -12.27 2.13
N LEU B 130 -17.25 -12.81 2.07
CA LEU B 130 -18.28 -12.32 2.99
C LEU B 130 -17.93 -12.62 4.44
N GLN B 131 -17.12 -13.65 4.71
CA GLN B 131 -16.61 -13.86 6.07
C GLN B 131 -15.80 -12.67 6.55
N LEU B 132 -14.92 -12.15 5.69
CA LEU B 132 -14.16 -10.96 6.04
C LEU B 132 -15.07 -9.75 6.22
N VAL B 133 -16.05 -9.60 5.33
CA VAL B 133 -17.05 -8.52 5.47
C VAL B 133 -17.69 -8.57 6.86
N LYS B 134 -18.20 -9.75 7.23
CA LYS B 134 -18.92 -9.92 8.49
C LYS B 134 -18.06 -9.56 9.70
N LYS B 135 -16.79 -9.98 9.71
CA LYS B 135 -15.87 -9.62 10.79
C LYS B 135 -15.64 -8.10 10.88
N TYR B 136 -15.43 -7.45 9.74
CA TYR B 136 -15.23 -6.01 9.77
C TYR B 136 -16.52 -5.28 10.17
N LYS B 137 -17.68 -5.87 9.89
CA LYS B 137 -18.93 -5.24 10.29
C LYS B 137 -19.07 -5.22 11.81
N SER B 138 -18.67 -6.31 12.48
CA SER B 138 -18.79 -6.33 13.92
C SER B 138 -17.75 -5.44 14.58
N MET B 139 -16.60 -5.23 13.95
CA MET B 139 -15.64 -4.29 14.51
C MET B 139 -15.93 -2.85 14.11
N LYS B 140 -16.93 -2.62 13.26
CA LYS B 140 -17.22 -1.33 12.66
C LYS B 140 -15.95 -0.69 12.09
N LEU B 141 -15.50 -1.24 10.97
CA LEU B 141 -14.28 -0.77 10.34
C LEU B 141 -14.46 0.63 9.76
N GLU B 142 -13.59 1.55 10.14
CA GLU B 142 -13.65 2.89 9.56
C GLU B 142 -12.81 2.98 8.27
N LYS B 143 -13.05 4.03 7.49
CA LYS B 143 -12.26 4.19 6.27
C LYS B 143 -10.77 4.41 6.58
N GLU B 144 -10.48 5.16 7.64
CA GLU B 144 -9.10 5.29 8.11
C GLU B 144 -8.46 3.92 8.34
N GLU B 145 -9.25 2.96 8.83
CA GLU B 145 -8.63 1.68 9.13
C GLU B 145 -8.48 0.84 7.88
N PHE B 146 -9.48 0.92 6.98
CA PHE B 146 -9.37 0.32 5.65
C PHE B 146 -8.09 0.74 4.94
N VAL B 147 -7.85 2.07 4.79
CA VAL B 147 -6.73 2.48 3.93
C VAL B 147 -5.38 2.13 4.57
N THR B 148 -5.30 2.19 5.91
CA THR B 148 -4.09 1.77 6.58
C THR B 148 -3.87 0.25 6.41
N LEU B 149 -4.93 -0.54 6.54
CA LEU B 149 -4.79 -1.98 6.34
C LEU B 149 -4.44 -2.31 4.89
N LYS B 150 -4.92 -1.53 3.92
CA LYS B 150 -4.58 -1.79 2.52
C LYS B 150 -3.08 -1.58 2.29
N ALA B 151 -2.54 -0.46 2.79
CA ALA B 151 -1.11 -0.22 2.78
C ALA B 151 -0.32 -1.29 3.54
N ILE B 152 -0.79 -1.70 4.72
CA ILE B 152 -0.04 -2.74 5.44
C ILE B 152 -0.05 -4.05 4.65
N ALA B 153 -1.15 -4.36 3.99
CA ALA B 153 -1.19 -5.59 3.21
C ALA B 153 -0.14 -5.55 2.10
N LEU B 154 0.06 -4.39 1.47
CA LEU B 154 1.11 -4.27 0.47
C LEU B 154 2.50 -4.46 1.08
N ALA B 155 2.74 -3.83 2.24
CA ALA B 155 4.05 -3.85 2.87
C ALA B 155 4.38 -5.21 3.46
N ASN B 156 3.37 -5.96 3.86
CA ASN B 156 3.53 -7.19 4.62
C ASN B 156 3.28 -8.43 3.77
N SER B 157 3.47 -8.31 2.47
CA SER B 157 2.94 -9.31 1.55
C SER B 157 3.85 -10.50 1.38
N ASP B 158 4.95 -10.57 2.13
CA ASP B 158 5.79 -11.76 2.25
C ASP B 158 6.32 -12.29 0.90
N SER B 159 6.56 -11.40 -0.06
CA SER B 159 7.24 -11.78 -1.29
C SER B 159 8.58 -12.44 -0.98
N MET B 160 8.95 -13.40 -1.82
CA MET B 160 10.21 -14.10 -1.63
C MET B 160 11.40 -13.27 -2.11
N HIS B 161 11.17 -12.38 -3.08
CA HIS B 161 12.20 -11.79 -3.93
C HIS B 161 12.63 -10.38 -3.51
N ILE B 162 12.51 -10.04 -2.23
CA ILE B 162 12.88 -8.69 -1.81
C ILE B 162 14.39 -8.51 -1.92
N GLU B 163 14.80 -7.40 -2.54
CA GLU B 163 16.21 -7.02 -2.56
C GLU B 163 16.63 -6.34 -1.26
N ASP B 164 16.01 -5.20 -0.95
CA ASP B 164 16.34 -4.45 0.26
C ASP B 164 15.33 -4.86 1.33
N VAL B 165 15.61 -6.03 1.94
CA VAL B 165 14.74 -6.60 2.97
C VAL B 165 14.56 -5.64 4.14
N GLU B 166 15.64 -5.01 4.57
CA GLU B 166 15.56 -4.16 5.75
C GLU B 166 14.74 -2.90 5.47
N ALA B 167 14.67 -2.45 4.22
CA ALA B 167 13.89 -1.26 3.94
C ALA B 167 12.39 -1.57 3.94
N VAL B 168 12.00 -2.71 3.37
CA VAL B 168 10.63 -3.20 3.51
C VAL B 168 10.22 -3.29 4.97
N GLN B 169 11.12 -3.76 5.82
CA GLN B 169 10.81 -3.84 7.23
C GLN B 169 10.52 -2.45 7.79
N LYS B 170 11.29 -1.46 7.35
CA LYS B 170 11.02 -0.08 7.77
C LYS B 170 9.65 0.36 7.31
N LEU B 171 9.29 0.00 6.07
CA LEU B 171 8.01 0.43 5.52
C LEU B 171 6.86 -0.16 6.33
N GLN B 172 6.97 -1.45 6.67
CA GLN B 172 5.99 -2.07 7.57
C GLN B 172 5.93 -1.33 8.89
N ASP B 173 7.09 -1.10 9.52
CA ASP B 173 7.04 -0.52 10.85
C ASP B 173 6.45 0.87 10.82
N VAL B 174 6.68 1.62 9.74
CA VAL B 174 6.14 2.97 9.65
C VAL B 174 4.62 2.92 9.57
N LEU B 175 4.08 1.99 8.77
CA LEU B 175 2.63 1.84 8.64
C LEU B 175 2.01 1.26 9.91
N HIS B 176 2.63 0.24 10.49
CA HIS B 176 2.23 -0.27 11.80
C HIS B 176 2.10 0.84 12.83
N GLU B 177 3.11 1.70 12.91
CA GLU B 177 3.07 2.73 13.96
C GLU B 177 1.99 3.76 13.70
N ALA B 178 1.67 4.02 12.43
CA ALA B 178 0.57 4.93 12.12
C ALA B 178 -0.76 4.37 12.58
N LEU B 179 -0.96 3.06 12.44
CA LEU B 179 -2.21 2.44 12.88
C LEU B 179 -2.34 2.45 14.40
N GLN B 180 -1.26 2.11 15.12
CA GLN B 180 -1.29 2.19 16.59
C GLN B 180 -1.60 3.61 17.05
N ASP B 181 -0.90 4.58 16.48
CA ASP B 181 -1.14 5.98 16.84
C ASP B 181 -2.56 6.40 16.49
N TYR B 182 -3.09 5.96 15.34
CA TYR B 182 -4.48 6.29 15.02
C TYR B 182 -5.44 5.66 16.04
N GLU B 183 -5.25 4.38 16.35
CA GLU B 183 -6.16 3.71 17.28
C GLU B 183 -6.02 4.26 18.71
N ALA B 184 -4.79 4.57 19.15
CA ALA B 184 -4.64 5.12 20.50
C ALA B 184 -5.35 6.46 20.62
N GLY B 185 -5.32 7.25 19.56
CA GLY B 185 -5.98 8.52 19.60
C GLY B 185 -7.49 8.38 19.53
N GLN B 186 -7.99 7.51 18.66
CA GLN B 186 -9.38 7.53 18.26
C GLN B 186 -10.23 6.44 18.88
N HIS B 187 -9.63 5.50 19.59
CA HIS B 187 -10.38 4.39 20.17
C HIS B 187 -9.85 4.07 21.58
N MET B 188 -9.98 5.03 22.50
CA MET B 188 -9.51 4.77 23.86
C MET B 188 -10.35 3.69 24.54
N GLU B 189 -11.62 3.57 24.14
CA GLU B 189 -12.48 2.52 24.68
C GLU B 189 -11.91 1.12 24.47
N ASP B 190 -11.09 0.90 23.43
CA ASP B 190 -10.49 -0.42 23.16
C ASP B 190 -9.00 -0.29 22.94
N PRO B 191 -8.19 -0.47 23.99
CA PRO B 191 -6.73 -0.35 23.84
C PRO B 191 -6.10 -1.44 22.99
N ARG B 192 -6.90 -2.36 22.46
CA ARG B 192 -6.41 -3.51 21.71
C ARG B 192 -6.88 -3.52 20.24
N ARG B 193 -7.57 -2.47 19.80
CA ARG B 193 -8.17 -2.47 18.46
C ARG B 193 -7.12 -2.64 17.35
N ALA B 194 -5.95 -2.02 17.47
CA ALA B 194 -4.91 -2.19 16.45
C ALA B 194 -4.59 -3.66 16.22
N GLY B 195 -4.42 -4.41 17.32
CA GLY B 195 -4.13 -5.83 17.20
C GLY B 195 -5.30 -6.62 16.63
N LYS B 196 -6.54 -6.23 16.98
CA LYS B 196 -7.67 -6.89 16.37
C LYS B 196 -7.72 -6.65 14.87
N MET B 197 -7.23 -5.49 14.42
CA MET B 197 -7.14 -5.18 13.00
C MET B 197 -6.09 -6.05 12.30
N LEU B 198 -4.92 -6.19 12.92
CA LEU B 198 -3.89 -7.06 12.34
C LEU B 198 -4.37 -8.50 12.26
N MET B 199 -5.22 -8.94 13.19
CA MET B 199 -5.70 -10.32 13.20
C MET B 199 -6.76 -10.59 12.14
N THR B 200 -7.20 -9.56 11.40
CA THR B 200 -8.04 -9.84 10.23
C THR B 200 -7.21 -10.13 9.00
N LEU B 201 -5.90 -9.81 9.04
CA LEU B 201 -5.06 -10.04 7.87
C LEU B 201 -4.91 -11.50 7.47
N PRO B 202 -4.85 -12.48 8.38
CA PRO B 202 -4.71 -13.87 7.90
C PRO B 202 -5.84 -14.29 6.99
N LEU B 203 -7.09 -13.94 7.33
CA LEU B 203 -8.19 -14.31 6.45
C LEU B 203 -8.06 -13.61 5.10
N LEU B 204 -7.59 -12.36 5.09
CA LEU B 204 -7.37 -11.67 3.83
C LEU B 204 -6.31 -12.39 3.00
N ARG B 205 -5.24 -12.86 3.64
CA ARG B 205 -4.23 -13.62 2.91
C ARG B 205 -4.82 -14.93 2.38
N GLN B 206 -5.56 -15.63 3.24
CA GLN B 206 -6.14 -16.90 2.85
C GLN B 206 -7.04 -16.74 1.62
N THR B 207 -7.97 -15.77 1.69
CA THR B 207 -8.94 -15.56 0.62
C THR B 207 -8.26 -15.25 -0.71
N SER B 208 -7.21 -14.43 -0.70
CA SER B 208 -6.60 -14.00 -1.96
C SER B 208 -5.65 -15.05 -2.52
N THR B 209 -4.96 -15.78 -1.66
CA THR B 209 -4.18 -16.93 -2.08
C THR B 209 -5.04 -17.90 -2.88
N LYS B 210 -6.30 -18.09 -2.46
CA LYS B 210 -7.20 -18.98 -3.18
C LYS B 210 -7.70 -18.33 -4.47
N ALA B 211 -8.02 -17.03 -4.43
CA ALA B 211 -8.48 -16.37 -5.64
C ALA B 211 -7.42 -16.42 -6.72
N VAL B 212 -6.16 -16.33 -6.34
CA VAL B 212 -5.10 -16.34 -7.33
C VAL B 212 -4.99 -17.72 -7.98
N GLN B 213 -5.04 -18.78 -7.17
CA GLN B 213 -5.05 -20.13 -7.71
C GLN B 213 -6.17 -20.30 -8.73
N HIS B 214 -7.40 -19.92 -8.36
CA HIS B 214 -8.53 -19.94 -9.30
C HIS B 214 -8.23 -19.14 -10.56
N PHE B 215 -7.49 -18.05 -10.40
CA PHE B 215 -7.20 -17.13 -11.50
C PHE B 215 -6.38 -17.82 -12.60
N TYR B 216 -5.48 -18.72 -12.20
CA TYR B 216 -4.73 -19.49 -13.18
C TYR B 216 -5.52 -20.72 -13.64
N ASN B 217 -6.14 -21.45 -12.69
CA ASN B 217 -6.88 -22.66 -13.03
C ASN B 217 -7.80 -22.43 -14.22
N ILE B 218 -8.46 -21.27 -14.27
CA ILE B 218 -9.32 -20.94 -15.37
C ILE B 218 -8.63 -19.99 -16.36
N LYS B 219 -7.30 -19.86 -16.27
CA LYS B 219 -6.48 -19.32 -17.37
C LYS B 219 -6.85 -17.89 -17.73
N LEU B 220 -7.00 -17.04 -16.69
CA LEU B 220 -7.29 -15.63 -16.89
C LEU B 220 -6.03 -14.80 -17.15
N GLU B 221 -4.85 -15.35 -16.83
CA GLU B 221 -3.63 -14.56 -16.81
C GLU B 221 -3.18 -14.08 -18.19
N GLY B 222 -3.66 -14.72 -19.26
CA GLY B 222 -3.25 -14.27 -20.57
C GLY B 222 -1.77 -14.53 -20.86
N LYS B 223 -1.25 -13.80 -21.85
CA LYS B 223 0.11 -14.03 -22.33
C LYS B 223 1.16 -13.24 -21.56
N VAL B 224 0.90 -11.97 -21.27
CA VAL B 224 1.85 -11.13 -20.53
C VAL B 224 1.71 -11.41 -19.04
N PRO B 225 2.76 -11.92 -18.38
CA PRO B 225 2.68 -12.19 -16.95
C PRO B 225 2.51 -10.90 -16.15
N MET B 226 1.94 -11.04 -14.96
CA MET B 226 1.66 -9.87 -14.12
C MET B 226 2.92 -9.08 -13.82
N HIS B 227 4.04 -9.77 -13.54
CA HIS B 227 5.25 -9.04 -13.20
C HIS B 227 5.82 -8.27 -14.39
N LYS B 228 5.63 -8.78 -15.62
CA LYS B 228 5.95 -7.96 -16.79
C LYS B 228 4.99 -6.78 -16.88
N LEU B 229 3.68 -7.03 -16.73
CA LEU B 229 2.68 -5.97 -16.75
C LEU B 229 2.94 -4.94 -15.65
N PHE B 230 3.62 -5.32 -14.58
CA PHE B 230 3.94 -4.38 -13.51
C PHE B 230 5.23 -3.61 -13.74
N LEU B 231 6.03 -4.01 -14.74
CA LEU B 231 7.10 -3.14 -15.23
C LEU B 231 6.66 -2.24 -16.38
N GLU B 232 5.71 -2.67 -17.21
CA GLU B 232 5.05 -1.83 -18.20
C GLU B 232 3.96 -0.96 -17.58
N MET B 233 4.10 -0.59 -16.31
CA MET B 233 3.13 0.24 -15.61
C MET B 233 3.87 1.10 -14.59
N LEU B 234 5.01 0.58 -14.09
CA LEU B 234 5.90 1.30 -13.18
C LEU B 234 7.00 2.08 -13.90
N GLU B 235 7.40 1.64 -15.10
CA GLU B 235 8.35 2.37 -15.92
C GLU B 235 7.68 3.42 -16.80
N ALA B 236 6.35 3.46 -16.80
CA ALA B 236 5.59 4.45 -17.56
C ALA B 236 5.05 5.55 -16.65
N ASN C 15 2.51 -12.83 33.85
CA ASN C 15 1.20 -13.08 33.23
C ASN C 15 0.71 -14.50 33.48
N LYS C 16 -0.57 -14.63 33.87
CA LYS C 16 -1.11 -15.92 34.28
C LYS C 16 -1.37 -16.83 33.08
N ILE C 17 -1.81 -16.25 31.95
CA ILE C 17 -2.19 -17.07 30.80
C ILE C 17 -0.96 -17.58 30.07
N VAL C 18 0.02 -16.72 29.82
CA VAL C 18 1.29 -17.18 29.27
C VAL C 18 1.85 -18.30 30.13
N SER C 19 1.58 -18.25 31.44
CA SER C 19 2.11 -19.23 32.38
C SER C 19 1.40 -20.58 32.23
N HIS C 20 0.06 -20.57 32.22
CA HIS C 20 -0.68 -21.80 31.98
C HIS C 20 -0.20 -22.50 30.71
N LEU C 21 0.00 -21.73 29.63
CA LEU C 21 0.31 -22.31 28.33
C LEU C 21 1.71 -22.92 28.30
N LEU C 22 2.66 -22.29 28.99
CA LEU C 22 4.02 -22.85 29.07
C LEU C 22 3.99 -24.26 29.66
N VAL C 23 3.21 -24.45 30.73
CA VAL C 23 3.11 -25.73 31.42
C VAL C 23 2.37 -26.78 30.58
N ALA C 24 1.36 -26.36 29.81
CA ALA C 24 0.58 -27.27 28.98
C ALA C 24 1.32 -27.74 27.73
N GLU C 25 2.51 -27.23 27.48
CA GLU C 25 3.22 -27.56 26.25
C GLU C 25 3.53 -29.05 26.21
N PRO C 26 3.10 -29.77 25.18
CA PRO C 26 3.19 -31.24 25.21
C PRO C 26 4.61 -31.75 25.01
N GLU C 27 4.91 -32.86 25.70
CA GLU C 27 6.25 -33.46 25.71
C GLU C 27 6.75 -33.72 24.30
N LYS C 28 8.08 -33.71 24.16
CA LYS C 28 8.72 -33.95 22.87
C LYS C 28 8.19 -35.23 22.23
N ILE C 29 7.87 -35.14 20.95
CA ILE C 29 7.51 -36.31 20.17
C ILE C 29 8.72 -36.68 19.32
N TYR C 30 8.71 -37.92 18.81
CA TYR C 30 9.78 -38.44 17.97
C TYR C 30 9.16 -39.13 16.77
N ALA C 31 9.68 -38.82 15.58
CA ALA C 31 9.06 -39.31 14.36
C ALA C 31 9.21 -40.82 14.21
N MET C 32 10.29 -41.40 14.77
CA MET C 32 10.70 -42.80 14.69
C MET C 32 10.55 -43.33 13.26
N PRO C 33 11.36 -42.84 12.32
CA PRO C 33 11.28 -43.35 10.95
C PRO C 33 11.63 -44.83 10.89
N ASP C 34 10.87 -45.57 10.09
CA ASP C 34 10.96 -47.03 10.01
C ASP C 34 12.30 -47.46 9.43
N PRO C 35 13.18 -48.10 10.19
CA PRO C 35 14.46 -48.54 9.62
C PRO C 35 14.28 -49.53 8.47
N THR C 36 13.31 -50.45 8.58
CA THR C 36 13.11 -51.43 7.52
C THR C 36 12.74 -50.77 6.20
N VAL C 37 12.09 -49.61 6.24
CA VAL C 37 11.62 -48.96 5.01
C VAL C 37 12.80 -48.26 4.34
N PRO C 38 13.02 -48.46 3.03
CA PRO C 38 14.21 -47.90 2.38
C PRO C 38 14.02 -46.45 1.95
N ASP C 39 14.97 -45.58 2.31
CA ASP C 39 14.91 -44.15 2.01
C ASP C 39 14.45 -43.90 0.58
N SER C 40 13.33 -43.19 0.43
CA SER C 40 12.78 -42.94 -0.89
C SER C 40 11.82 -41.74 -0.80
N ASP C 41 11.10 -41.49 -1.91
CA ASP C 41 10.11 -40.41 -1.91
C ASP C 41 9.01 -40.67 -0.90
N ILE C 42 8.47 -41.89 -0.88
CA ILE C 42 7.27 -42.19 -0.12
C ILE C 42 7.55 -42.41 1.37
N LYS C 43 8.79 -42.69 1.76
CA LYS C 43 9.07 -42.86 3.19
C LYS C 43 9.00 -41.53 3.94
N ALA C 44 9.49 -40.45 3.31
CA ALA C 44 9.34 -39.13 3.90
C ALA C 44 7.87 -38.76 4.06
N LEU C 45 7.10 -38.92 2.98
CA LEU C 45 5.66 -38.64 3.04
C LEU C 45 5.00 -39.41 4.18
N THR C 46 5.22 -40.72 4.22
CA THR C 46 4.53 -41.55 5.19
C THR C 46 5.12 -41.44 6.60
N THR C 47 6.38 -40.99 6.74
CA THR C 47 6.93 -40.69 8.07
C THR C 47 6.22 -39.51 8.71
N LEU C 48 6.20 -38.36 8.01
CA LEU C 48 5.53 -37.17 8.51
C LEU C 48 4.03 -37.41 8.70
N CYS C 49 3.41 -38.23 7.84
CA CYS C 49 2.06 -38.70 8.10
C CYS C 49 1.95 -39.27 9.52
N ASP C 50 2.91 -40.11 9.92
CA ASP C 50 2.81 -40.75 11.23
C ASP C 50 3.14 -39.79 12.36
N LEU C 51 4.18 -38.98 12.20
CA LEU C 51 4.46 -37.98 13.22
C LEU C 51 3.30 -37.01 13.37
N ALA C 52 2.58 -36.76 12.27
CA ALA C 52 1.47 -35.81 12.31
C ALA C 52 0.26 -36.41 13.01
N ASP C 53 -0.06 -37.66 12.72
CA ASP C 53 -1.21 -38.32 13.36
C ASP C 53 -1.05 -38.42 14.87
N ARG C 54 0.19 -38.57 15.35
CA ARG C 54 0.37 -38.62 16.79
C ARG C 54 0.46 -37.22 17.40
N GLU C 55 1.09 -36.28 16.69
CA GLU C 55 1.07 -34.89 17.16
C GLU C 55 -0.35 -34.36 17.25
N LEU C 56 -1.22 -34.79 16.33
CA LEU C 56 -2.63 -34.41 16.38
C LEU C 56 -3.27 -34.80 17.71
N VAL C 57 -2.92 -35.98 18.23
CA VAL C 57 -3.56 -36.51 19.45
C VAL C 57 -3.15 -35.67 20.68
N VAL C 58 -1.88 -35.30 20.77
CA VAL C 58 -1.48 -34.46 21.90
C VAL C 58 -2.08 -33.05 21.78
N ILE C 59 -2.36 -32.60 20.56
CA ILE C 59 -2.89 -31.25 20.37
C ILE C 59 -4.28 -31.12 20.97
N ILE C 60 -5.08 -32.18 20.91
CA ILE C 60 -6.43 -32.12 21.48
C ILE C 60 -6.36 -32.04 22.99
N GLY C 61 -5.58 -32.92 23.61
CA GLY C 61 -5.34 -32.80 25.03
C GLY C 61 -4.70 -31.48 25.38
N TRP C 62 -3.84 -30.97 24.49
CA TRP C 62 -3.28 -29.64 24.67
C TRP C 62 -4.39 -28.59 24.69
N ALA C 63 -5.30 -28.67 23.72
CA ALA C 63 -6.31 -27.63 23.57
C ALA C 63 -7.17 -27.50 24.82
N LYS C 64 -7.27 -28.57 25.62
CA LYS C 64 -8.06 -28.51 26.85
C LYS C 64 -7.40 -27.60 27.88
N HIS C 65 -6.09 -27.51 27.87
CA HIS C 65 -5.41 -26.65 28.84
C HIS C 65 -5.43 -25.18 28.45
N ILE C 66 -5.90 -24.85 27.25
CA ILE C 66 -6.05 -23.48 26.75
C ILE C 66 -7.22 -22.80 27.45
N PRO C 67 -6.97 -21.71 28.18
CA PRO C 67 -8.05 -21.03 28.89
C PRO C 67 -9.29 -20.78 28.04
N GLY C 68 -10.44 -21.21 28.53
CA GLY C 68 -11.70 -20.90 27.88
C GLY C 68 -12.05 -21.79 26.72
N PHE C 69 -11.10 -22.57 26.20
CA PHE C 69 -11.39 -23.44 25.06
C PHE C 69 -12.39 -24.52 25.42
N SER C 70 -12.27 -25.08 26.62
CA SER C 70 -13.17 -26.17 27.04
C SER C 70 -14.58 -25.66 27.23
N THR C 71 -14.73 -24.44 27.75
CA THR C 71 -16.06 -23.84 27.95
C THR C 71 -16.85 -23.75 26.66
N LEU C 72 -16.18 -23.71 25.51
CA LEU C 72 -16.87 -23.61 24.24
C LEU C 72 -17.69 -24.88 23.98
N SER C 73 -18.66 -24.72 23.09
CA SER C 73 -19.40 -25.88 22.59
C SER C 73 -18.42 -26.91 22.04
N LEU C 74 -18.87 -28.18 22.05
CA LEU C 74 -18.03 -29.27 21.55
C LEU C 74 -17.84 -29.18 20.03
N ALA C 75 -18.89 -28.79 19.31
CA ALA C 75 -18.75 -28.61 17.87
C ALA C 75 -17.78 -27.47 17.55
N ASP C 76 -17.88 -26.36 18.29
CA ASP C 76 -16.93 -25.27 18.12
C ASP C 76 -15.51 -25.74 18.38
N GLN C 77 -15.30 -26.51 19.44
CA GLN C 77 -13.96 -27.05 19.67
C GLN C 77 -13.48 -27.82 18.44
N MET C 78 -14.34 -28.64 17.86
CA MET C 78 -13.96 -29.39 16.67
C MET C 78 -13.74 -28.45 15.49
N SER C 79 -14.58 -27.41 15.37
CA SER C 79 -14.48 -26.48 14.24
C SER C 79 -13.17 -25.69 14.26
N LEU C 80 -12.81 -25.14 15.42
CA LEU C 80 -11.54 -24.44 15.56
C LEU C 80 -10.37 -25.35 15.19
N LEU C 81 -10.31 -26.53 15.81
CA LEU C 81 -9.22 -27.48 15.57
C LEU C 81 -9.20 -27.97 14.13
N GLN C 82 -10.38 -28.17 13.53
CA GLN C 82 -10.40 -28.58 12.13
C GLN C 82 -9.88 -27.49 11.22
N SER C 83 -9.98 -26.22 11.64
CA SER C 83 -9.49 -25.10 10.84
C SER C 83 -8.01 -24.82 11.05
N ALA C 84 -7.46 -25.20 12.21
CA ALA C 84 -6.17 -24.69 12.65
C ALA C 84 -5.05 -25.72 12.70
N TRP C 85 -5.34 -27.02 12.52
CA TRP C 85 -4.35 -28.02 12.91
C TRP C 85 -3.06 -27.91 12.08
N MET C 86 -3.19 -27.79 10.76
CA MET C 86 -1.99 -27.60 9.96
C MET C 86 -1.18 -26.41 10.44
N GLU C 87 -1.85 -25.33 10.86
CA GLU C 87 -1.11 -24.17 11.33
C GLU C 87 -0.37 -24.49 12.62
N ILE C 88 -0.96 -25.33 13.46
CA ILE C 88 -0.30 -25.70 14.71
C ILE C 88 0.93 -26.54 14.41
N LEU C 89 0.82 -27.52 13.51
CA LEU C 89 1.97 -28.34 13.15
C LEU C 89 3.13 -27.48 12.64
N ILE C 90 2.88 -26.71 11.58
CA ILE C 90 3.92 -25.89 10.95
C ILE C 90 4.53 -24.93 11.96
N LEU C 91 3.70 -24.28 12.76
CA LEU C 91 4.25 -23.35 13.76
C LEU C 91 5.29 -24.02 14.67
N GLY C 92 5.09 -25.31 15.00
CA GLY C 92 6.01 -26.03 15.85
C GLY C 92 7.30 -26.42 15.16
N VAL C 93 7.21 -26.95 13.94
CA VAL C 93 8.39 -27.17 13.12
C VAL C 93 9.22 -25.90 13.04
N VAL C 94 8.55 -24.76 12.91
CA VAL C 94 9.27 -23.49 12.82
C VAL C 94 9.95 -23.18 14.14
N TYR C 95 9.23 -23.36 15.25
CA TYR C 95 9.83 -23.00 16.53
C TYR C 95 11.01 -23.89 16.88
N ARG C 96 11.04 -25.10 16.34
CA ARG C 96 12.17 -25.98 16.60
C ARG C 96 13.33 -25.71 15.64
N SER C 97 13.05 -25.25 14.43
CA SER C 97 14.10 -24.95 13.46
C SER C 97 14.80 -23.62 13.72
N LEU C 98 14.42 -22.91 14.78
CA LEU C 98 14.93 -21.56 15.01
C LEU C 98 16.45 -21.56 15.10
N SER C 99 16.98 -22.32 16.01
CA SER C 99 18.42 -22.41 16.19
C SER C 99 19.11 -23.17 15.08
N PHE C 100 18.46 -23.57 14.01
CA PHE C 100 19.08 -24.30 12.90
C PHE C 100 19.14 -23.38 11.68
N GLU C 101 19.68 -23.91 10.58
CA GLU C 101 19.91 -23.12 9.37
C GLU C 101 19.52 -23.97 8.15
N ASP C 102 18.49 -23.54 7.45
CA ASP C 102 18.03 -24.15 6.20
C ASP C 102 17.60 -25.60 6.38
N GLU C 103 17.25 -25.98 7.61
CA GLU C 103 16.73 -27.30 7.91
C GLU C 103 15.50 -27.18 8.79
N LEU C 104 14.61 -28.18 8.70
CA LEU C 104 13.30 -28.14 9.35
C LEU C 104 13.19 -29.22 10.42
N VAL C 105 13.04 -28.80 11.68
CA VAL C 105 13.01 -29.71 12.82
C VAL C 105 11.64 -30.31 13.01
N TYR C 106 11.27 -31.28 12.17
CA TYR C 106 10.04 -32.02 12.39
C TYR C 106 10.02 -32.63 13.79
N ALA C 107 11.05 -33.39 14.12
CA ALA C 107 11.32 -33.85 15.48
C ALA C 107 12.83 -33.90 15.68
N ASP C 108 13.24 -34.11 16.93
CA ASP C 108 14.66 -34.21 17.26
C ASP C 108 15.40 -35.25 16.42
N ASP C 109 14.67 -36.22 15.86
CA ASP C 109 15.24 -37.33 15.12
C ASP C 109 14.88 -37.32 13.64
N TYR C 110 14.26 -36.23 13.14
CA TYR C 110 13.90 -36.13 11.73
C TYR C 110 14.05 -34.67 11.28
N ILE C 111 15.12 -34.40 10.55
CA ILE C 111 15.57 -33.05 10.19
C ILE C 111 15.79 -33.01 8.69
N MET C 112 14.99 -32.22 7.99
CA MET C 112 15.07 -32.21 6.54
C MET C 112 16.02 -31.11 6.04
N ASP C 113 16.60 -31.35 4.87
CA ASP C 113 17.53 -30.43 4.24
C ASP C 113 17.07 -30.14 2.82
N GLU C 114 17.71 -29.12 2.22
CA GLU C 114 17.35 -28.70 0.87
C GLU C 114 17.32 -29.87 -0.10
N ASP C 115 18.28 -30.79 0.03
CA ASP C 115 18.31 -31.97 -0.82
C ASP C 115 17.18 -32.93 -0.45
N GLN C 116 17.01 -33.18 0.86
CA GLN C 116 15.97 -34.10 1.31
C GLN C 116 14.57 -33.58 0.98
N SER C 117 14.38 -32.25 0.99
CA SER C 117 13.08 -31.67 0.64
C SER C 117 12.78 -31.81 -0.84
N LYS C 118 13.81 -31.74 -1.69
CA LYS C 118 13.61 -32.00 -3.11
C LYS C 118 13.17 -33.44 -3.33
N LEU C 119 13.69 -34.37 -2.53
CA LEU C 119 13.27 -35.77 -2.62
C LEU C 119 11.77 -35.91 -2.34
N ALA C 120 11.34 -35.44 -1.17
CA ALA C 120 9.94 -35.48 -0.80
C ALA C 120 9.06 -34.66 -1.73
N GLY C 121 9.65 -33.70 -2.46
CA GLY C 121 8.83 -32.83 -3.28
C GLY C 121 8.16 -31.74 -2.46
N LEU C 122 8.73 -31.39 -1.31
CA LEU C 122 8.27 -30.31 -0.45
C LEU C 122 9.18 -29.09 -0.59
N LEU C 123 9.66 -28.85 -1.81
CA LEU C 123 10.59 -27.74 -2.06
C LEU C 123 9.91 -26.41 -1.80
N ASP C 124 8.82 -26.14 -2.52
CA ASP C 124 8.11 -24.88 -2.36
C ASP C 124 7.63 -24.68 -0.93
N LEU C 125 6.97 -25.70 -0.38
CA LEU C 125 6.42 -25.62 0.97
C LEU C 125 7.50 -25.28 1.99
N ASN C 126 8.57 -26.07 2.02
CA ASN C 126 9.56 -25.86 3.09
C ASN C 126 10.30 -24.55 2.90
N ASN C 127 10.43 -24.10 1.65
CA ASN C 127 11.03 -22.79 1.39
C ASN C 127 10.21 -21.69 2.05
N ALA C 128 8.89 -21.75 1.87
CA ALA C 128 7.99 -20.85 2.57
C ALA C 128 8.08 -21.05 4.08
N ILE C 129 8.18 -22.30 4.52
CA ILE C 129 8.31 -22.54 5.95
C ILE C 129 9.61 -21.93 6.48
N LEU C 130 10.69 -22.05 5.70
CA LEU C 130 11.95 -21.46 6.13
C LEU C 130 11.93 -19.94 6.02
N GLN C 131 11.21 -19.42 5.03
CA GLN C 131 10.96 -17.98 4.97
C GLN C 131 10.35 -17.50 6.27
N LEU C 132 9.50 -18.33 6.85
CA LEU C 132 8.91 -18.04 8.14
C LEU C 132 9.90 -18.27 9.28
N VAL C 133 10.80 -19.23 9.14
CA VAL C 133 11.83 -19.37 10.17
C VAL C 133 12.78 -18.18 10.14
N LYS C 134 13.16 -17.74 8.92
CA LYS C 134 14.00 -16.55 8.80
C LYS C 134 13.43 -15.39 9.61
N LYS C 135 12.13 -15.13 9.43
CA LYS C 135 11.53 -13.96 10.05
C LYS C 135 11.50 -14.08 11.58
N TYR C 136 11.25 -15.28 12.09
CA TYR C 136 11.22 -15.48 13.54
C TYR C 136 12.60 -15.35 14.17
N LYS C 137 13.65 -15.75 13.45
CA LYS C 137 15.01 -15.55 13.94
C LYS C 137 15.29 -14.08 14.22
N SER C 138 15.00 -13.20 13.24
CA SER C 138 15.34 -11.79 13.37
C SER C 138 14.66 -11.16 14.58
N MET C 139 13.44 -11.58 14.89
CA MET C 139 12.75 -11.04 16.06
C MET C 139 13.18 -11.70 17.37
N LYS C 140 14.12 -12.63 17.32
CA LYS C 140 14.56 -13.38 18.50
C LYS C 140 13.35 -13.91 19.25
N LEU C 141 12.55 -14.68 18.52
CA LEU C 141 11.28 -15.21 19.03
C LEU C 141 11.46 -15.97 20.34
N GLU C 142 10.63 -15.65 21.32
CA GLU C 142 10.73 -16.24 22.65
C GLU C 142 9.74 -17.40 22.83
N LYS C 143 10.00 -18.21 23.87
CA LYS C 143 9.21 -19.42 24.10
C LYS C 143 7.78 -19.06 24.51
N GLU C 144 7.65 -18.15 25.47
CA GLU C 144 6.35 -17.63 25.87
C GLU C 144 5.56 -17.12 24.67
N GLU C 145 6.22 -16.36 23.79
CA GLU C 145 5.56 -15.80 22.62
C GLU C 145 5.09 -16.88 21.67
N PHE C 146 5.91 -17.92 21.47
CA PHE C 146 5.53 -18.99 20.53
C PHE C 146 4.28 -19.72 21.00
N VAL C 147 4.23 -20.12 22.27
CA VAL C 147 3.09 -20.90 22.74
C VAL C 147 1.83 -20.05 22.72
N THR C 148 1.97 -18.73 22.87
CA THR C 148 0.83 -17.83 22.75
C THR C 148 0.36 -17.74 21.31
N LEU C 149 1.29 -17.48 20.38
CA LEU C 149 0.93 -17.45 18.96
C LEU C 149 0.29 -18.75 18.54
N LYS C 150 0.82 -19.88 19.05
CA LYS C 150 0.14 -21.15 18.83
C LYS C 150 -1.29 -21.11 19.35
N ALA C 151 -1.52 -20.51 20.52
CA ALA C 151 -2.88 -20.46 21.06
C ALA C 151 -3.75 -19.49 20.26
N ILE C 152 -3.21 -18.32 19.92
CA ILE C 152 -3.96 -17.36 19.10
C ILE C 152 -4.36 -17.98 17.77
N ALA C 153 -3.41 -18.65 17.11
CA ALA C 153 -3.69 -19.18 15.78
C ALA C 153 -4.90 -20.10 15.79
N LEU C 154 -5.01 -20.93 16.85
CA LEU C 154 -6.15 -21.84 17.00
C LEU C 154 -7.47 -21.08 17.09
N ALA C 155 -7.51 -20.05 17.96
CA ALA C 155 -8.75 -19.28 18.14
C ALA C 155 -9.05 -18.41 16.93
N ASN C 156 -8.02 -17.93 16.24
CA ASN C 156 -8.18 -17.03 15.11
C ASN C 156 -8.29 -17.76 13.79
N SER C 157 -8.67 -19.05 13.82
CA SER C 157 -8.58 -19.90 12.65
C SER C 157 -9.64 -19.61 11.59
N ASP C 158 -10.64 -18.77 11.88
CA ASP C 158 -11.61 -18.28 10.88
C ASP C 158 -12.45 -19.41 10.29
N SER C 159 -12.79 -20.39 11.11
CA SER C 159 -13.74 -21.40 10.68
C SER C 159 -15.08 -20.75 10.33
N MET C 160 -15.79 -21.34 9.38
CA MET C 160 -17.07 -20.78 8.98
C MET C 160 -18.27 -21.46 9.64
N HIS C 161 -18.04 -22.35 10.62
CA HIS C 161 -19.08 -23.11 11.30
C HIS C 161 -19.04 -22.86 12.82
N ILE C 162 -18.82 -21.62 13.23
CA ILE C 162 -18.92 -21.27 14.64
C ILE C 162 -20.38 -21.07 15.01
N GLU C 163 -20.76 -21.54 16.21
CA GLU C 163 -22.07 -21.23 16.77
C GLU C 163 -22.01 -20.00 17.66
N ASP C 164 -21.17 -20.05 18.71
CA ASP C 164 -21.03 -18.95 19.64
C ASP C 164 -19.91 -18.04 19.12
N VAL C 165 -20.27 -17.21 18.15
CA VAL C 165 -19.32 -16.24 17.61
C VAL C 165 -18.72 -15.39 18.73
N GLU C 166 -19.56 -14.97 19.68
CA GLU C 166 -19.07 -14.15 20.79
C GLU C 166 -18.10 -14.92 21.68
N ALA C 167 -18.36 -16.21 21.94
CA ALA C 167 -17.45 -16.96 22.80
C ALA C 167 -16.08 -17.09 22.16
N VAL C 168 -16.04 -17.33 20.86
CA VAL C 168 -14.76 -17.49 20.18
C VAL C 168 -14.00 -16.15 20.15
N GLN C 169 -14.69 -15.05 19.85
CA GLN C 169 -13.99 -13.77 19.89
C GLN C 169 -13.62 -13.40 21.32
N LYS C 170 -14.41 -13.84 22.32
CA LYS C 170 -13.98 -13.70 23.70
C LYS C 170 -12.66 -14.43 23.95
N LEU C 171 -12.55 -15.66 23.45
CA LEU C 171 -11.31 -16.42 23.59
C LEU C 171 -10.15 -15.75 22.85
N GLN C 172 -10.42 -15.14 21.68
CA GLN C 172 -9.41 -14.37 20.98
C GLN C 172 -8.87 -13.24 21.85
N ASP C 173 -9.77 -12.38 22.33
CA ASP C 173 -9.36 -11.21 23.11
C ASP C 173 -8.53 -11.62 24.32
N VAL C 174 -8.89 -12.75 24.94
CA VAL C 174 -8.24 -13.20 26.17
C VAL C 174 -6.80 -13.60 25.90
N LEU C 175 -6.56 -14.39 24.85
CA LEU C 175 -5.18 -14.70 24.45
C LEU C 175 -4.49 -13.50 23.82
N HIS C 176 -5.26 -12.60 23.19
CA HIS C 176 -4.68 -11.40 22.61
C HIS C 176 -4.16 -10.49 23.73
N GLU C 177 -4.97 -10.27 24.76
CA GLU C 177 -4.53 -9.48 25.91
C GLU C 177 -3.31 -10.10 26.55
N ALA C 178 -3.25 -11.43 26.56
CA ALA C 178 -2.16 -12.13 27.25
C ALA C 178 -0.82 -11.82 26.60
N LEU C 179 -0.74 -11.98 25.27
CA LEU C 179 0.50 -11.65 24.57
C LEU C 179 0.78 -10.16 24.61
N GLN C 180 -0.27 -9.34 24.48
CA GLN C 180 -0.09 -7.90 24.58
C GLN C 180 0.46 -7.51 25.95
N ASP C 181 0.02 -8.21 27.00
CA ASP C 181 0.54 -7.93 28.34
C ASP C 181 1.97 -8.42 28.51
N TYR C 182 2.29 -9.60 27.95
CA TYR C 182 3.66 -10.10 28.04
C TYR C 182 4.65 -9.11 27.44
N GLU C 183 4.34 -8.60 26.25
CA GLU C 183 5.29 -7.77 25.51
C GLU C 183 5.52 -6.44 26.21
N ALA C 184 4.50 -5.90 26.87
CA ALA C 184 4.70 -4.71 27.70
C ALA C 184 5.60 -5.03 28.89
N GLY C 185 5.50 -6.25 29.41
CA GLY C 185 6.32 -6.69 30.52
C GLY C 185 7.79 -6.85 30.20
N GLN C 186 8.13 -7.86 29.39
CA GLN C 186 9.51 -8.23 29.15
C GLN C 186 10.13 -7.55 27.92
N HIS C 187 9.39 -6.64 27.22
CA HIS C 187 9.88 -6.06 25.96
C HIS C 187 9.51 -4.60 25.82
N MET C 188 10.10 -3.77 26.68
CA MET C 188 9.78 -2.34 26.67
C MET C 188 10.62 -1.58 25.66
N GLU C 189 11.68 -2.18 25.15
CA GLU C 189 12.50 -1.56 24.10
C GLU C 189 11.80 -1.50 22.75
N ASP C 190 10.56 -1.99 22.64
CA ASP C 190 9.87 -2.08 21.35
C ASP C 190 8.39 -2.12 21.64
N PRO C 191 7.75 -0.96 21.79
CA PRO C 191 6.32 -0.94 22.13
C PRO C 191 5.41 -1.49 21.04
N ARG C 192 5.95 -1.96 19.91
CA ARG C 192 5.19 -2.55 18.81
C ARG C 192 5.47 -4.03 18.63
N ARG C 193 6.17 -4.67 19.57
CA ARG C 193 6.49 -6.08 19.39
C ARG C 193 5.23 -6.91 19.23
N ALA C 194 4.19 -6.59 20.02
CA ALA C 194 2.94 -7.34 19.97
C ALA C 194 2.37 -7.36 18.55
N GLY C 195 2.32 -6.20 17.90
CA GLY C 195 1.84 -6.15 16.53
C GLY C 195 2.77 -6.85 15.56
N LYS C 196 4.08 -6.78 15.81
CA LYS C 196 5.03 -7.44 14.92
C LYS C 196 4.83 -8.95 14.93
N MET C 197 4.37 -9.49 16.06
CA MET C 197 4.13 -10.93 16.11
C MET C 197 2.88 -11.29 15.33
N LEU C 198 1.81 -10.52 15.55
CA LEU C 198 0.57 -10.76 14.83
C LEU C 198 0.78 -10.67 13.32
N MET C 199 1.65 -9.76 12.87
CA MET C 199 1.88 -9.58 11.45
C MET C 199 2.58 -10.77 10.82
N THR C 200 3.07 -11.72 11.62
CA THR C 200 3.63 -12.94 11.04
C THR C 200 2.56 -13.99 10.75
N LEU C 201 1.36 -13.83 11.32
CA LEU C 201 0.34 -14.86 11.12
C LEU C 201 -0.11 -15.03 9.68
N PRO C 202 -0.23 -13.97 8.85
CA PRO C 202 -0.67 -14.22 7.46
C PRO C 202 0.22 -15.20 6.71
N LEU C 203 1.54 -15.09 6.86
CA LEU C 203 2.41 -16.05 6.20
C LEU C 203 2.18 -17.46 6.74
N LEU C 204 1.99 -17.59 8.05
CA LEU C 204 1.67 -18.90 8.60
C LEU C 204 0.40 -19.47 7.98
N ARG C 205 -0.67 -18.66 7.91
CA ARG C 205 -1.90 -19.12 7.29
C ARG C 205 -1.70 -19.44 5.82
N GLN C 206 -0.81 -18.72 5.16
CA GLN C 206 -0.54 -18.95 3.75
C GLN C 206 0.15 -20.31 3.52
N THR C 207 1.18 -20.60 4.31
CA THR C 207 1.91 -21.86 4.14
C THR C 207 1.00 -23.06 4.45
N SER C 208 0.27 -22.99 5.57
CA SER C 208 -0.63 -24.07 5.93
C SER C 208 -1.71 -24.27 4.86
N THR C 209 -2.18 -23.19 4.24
CA THR C 209 -3.17 -23.35 3.17
C THR C 209 -2.58 -24.08 1.98
N LYS C 210 -1.32 -23.79 1.65
CA LYS C 210 -0.68 -24.55 0.58
C LYS C 210 -0.38 -25.98 1.04
N ALA C 211 0.12 -26.13 2.27
CA ALA C 211 0.30 -27.46 2.86
C ALA C 211 -0.96 -28.31 2.77
N VAL C 212 -2.13 -27.71 3.01
CA VAL C 212 -3.37 -28.49 3.02
C VAL C 212 -3.78 -28.87 1.59
N GLN C 213 -3.79 -27.89 0.68
CA GLN C 213 -4.09 -28.21 -0.71
C GLN C 213 -3.03 -29.13 -1.30
N HIS C 214 -1.81 -29.11 -0.75
CA HIS C 214 -0.78 -29.99 -1.27
C HIS C 214 -1.00 -31.42 -0.81
N PHE C 215 -1.37 -31.62 0.45
CA PHE C 215 -1.67 -32.96 0.92
C PHE C 215 -2.88 -33.54 0.18
N TYR C 216 -3.83 -32.69 -0.20
CA TYR C 216 -4.92 -33.17 -1.05
C TYR C 216 -4.42 -33.63 -2.42
N ASN C 217 -3.31 -33.06 -2.90
CA ASN C 217 -2.74 -33.45 -4.18
C ASN C 217 -1.47 -34.28 -4.01
N ILE C 218 -1.58 -35.48 -3.43
CA ILE C 218 -0.44 -36.39 -3.28
C ILE C 218 -0.93 -37.78 -2.89
#